data_8OG1
#
_entry.id   8OG1
#
_cell.length_a   120.900
_cell.length_b   120.900
_cell.length_c   127.450
_cell.angle_alpha   90.000
_cell.angle_beta   90.000
_cell.angle_gamma   120.000
#
_symmetry.space_group_name_H-M   'P 31 2 1'
#
loop_
_entity.id
_entity.type
_entity.pdbx_description
1 polymer 'Exostosin-like 3'
2 branched beta-D-mannopyranose-(1-4)-2-acetamido-2-deoxy-beta-D-glucopyranose-(1-4)-2-acetamido-2-deoxy-beta-D-glucopyranose
3 branched 2-acetamido-2-deoxy-beta-D-glucopyranose-(1-2)-alpha-D-mannopyranose-(1-3)-[alpha-D-mannopyranose-(1-6)]beta-D-mannopyranose-(1-4)-2-acetamido-2-deoxy-beta-D-glucopyranose-(1-4)-2-acetamido-2-deoxy-beta-D-glucopyranose
4 water water
#
_entity_poly.entity_id   1
_entity_poly.type   'polypeptide(L)'
_entity_poly.pdbx_seq_one_letter_code
;APLVHHHHHHALDENLYFQGALATTLDEADEAGKRIFGPRVGNELCEVKHVLDLCRIRESVSEELLQLEAKRQELNSEIA
KLNLKIEACKKSIENAKQDLLQLKNVISQTEHSYKELMAQNQPKLSLPIRLLPEKDDAGLPPPKATRGCRLHNCFDYSRC
PLTSGFPVYVYDSDQFVFGSYLDPLVKQAFQATARANVYVTENADIACLYVILVGEMQEPVVLRPAELEKQLYSLPHWRT
DGHNHVIINLSRKSDTQNLLYNVSTGRAMVAQSTFYTVQYRPGFDLVVSPLVHAMSEPNFMEIPPQVPVKRKYLFTFQGE
KIESLRSSLQEARSFEEEMEGDPPADYDDRIIATLKAVQDSKLDQVLVEFTCKNQPKPSLPTEWALCGEREDRLELLKLS
TFALIITPGDPRLVISSGCATRLFEALEVGAVPVVLGEQVQLPYQDMLQWNEAALVVPKPRVTEVHFLLRSLSDSDLLAM
RRQGRFLWETYFSTADSIFNTVLAMIRTRIQIPAAPIREEAAAEIPHRSGKAAGTDPNMADNGDLDLGPVETEPPYASPR
YLRNFTLTVTDFYRSWN(CSO)APGPFHLFPHTPFDPVLPSEAKFLGSGTGFRPIGGGAGGSGKEFQAALGGNVPREQFT
VVMLTYEREEVLMNSLERLNGLPYLNKVVVVWNSPKLPSEDLLWPDIGVPIMVVRTEKNSLNNRFLPWNEIETEAILSID
DDAHLRHDEIMFGFRVWREARDRIVGFPGRYHAWDIPHQSWLYNSNYSCELSMVLTGAAFFHKYYAYLYSYVMPQAIRDM
VDEYINCEDIAMNFLVSHITRKPPIKVTSRWTFRCPGCPQALSHDDSHFHERHKCINFFVKVYGYMPLLYTQFRVDSVLF
KTRLPHDKTKCFKFI
;
_entity_poly.pdbx_strand_id   A
#
# COMPACT_ATOMS: atom_id res chain seq x y z
N SER A 126 -16.67 -28.44 -1.82
CA SER A 126 -18.00 -28.48 -1.20
C SER A 126 -18.28 -27.23 -0.37
N LEU A 127 -19.55 -26.81 -0.29
CA LEU A 127 -19.89 -25.58 0.40
C LEU A 127 -19.62 -25.66 1.90
N PRO A 128 -19.22 -24.56 2.51
CA PRO A 128 -19.19 -24.51 3.97
C PRO A 128 -20.55 -24.84 4.57
N ILE A 129 -20.51 -25.32 5.83
CA ILE A 129 -21.74 -25.65 6.53
C ILE A 129 -22.61 -24.42 6.72
N ARG A 130 -23.92 -24.57 6.49
CA ARG A 130 -24.88 -23.48 6.63
C ARG A 130 -25.19 -23.15 8.07
N LEU A 131 -25.26 -21.86 8.37
CA LEU A 131 -25.73 -21.40 9.66
C LEU A 131 -27.26 -21.54 9.72
N LEU A 132 -27.75 -22.18 10.76
CA LEU A 132 -29.19 -22.34 11.00
C LEU A 132 -29.79 -20.99 11.36
N PRO A 133 -30.76 -20.47 10.61
CA PRO A 133 -31.27 -19.12 10.87
C PRO A 133 -32.20 -19.05 12.08
N GLU A 134 -32.64 -17.83 12.38
CA GLU A 134 -33.75 -17.60 13.30
C GLU A 134 -35.06 -18.05 12.66
N LYS A 135 -35.96 -18.57 13.48
CA LYS A 135 -37.17 -19.25 12.99
C LYS A 135 -38.10 -18.37 12.16
N LEU A 140 -37.27 -9.67 18.10
CA LEU A 140 -37.67 -10.89 18.80
C LEU A 140 -36.56 -11.50 19.65
N PRO A 141 -35.33 -11.53 19.16
CA PRO A 141 -34.20 -12.01 19.98
C PRO A 141 -33.82 -10.99 21.05
N PRO A 142 -33.57 -11.43 22.28
CA PRO A 142 -33.35 -10.48 23.38
C PRO A 142 -32.04 -9.74 23.25
N PRO A 143 -31.90 -8.60 23.92
CA PRO A 143 -30.64 -7.81 23.83
C PRO A 143 -29.40 -8.60 24.20
N LYS A 144 -29.50 -9.54 25.15
CA LYS A 144 -28.34 -10.35 25.51
C LYS A 144 -27.89 -11.23 24.35
N ALA A 145 -28.83 -11.70 23.52
CA ALA A 145 -28.47 -12.55 22.40
C ALA A 145 -27.70 -11.78 21.33
N THR A 146 -28.21 -10.59 20.97
CA THR A 146 -27.57 -9.77 19.94
C THR A 146 -26.19 -9.30 20.39
N ARG A 147 -26.02 -9.01 21.68
CA ARG A 147 -24.71 -8.65 22.20
C ARG A 147 -23.72 -9.82 22.18
N GLY A 148 -24.20 -11.04 21.96
CA GLY A 148 -23.33 -12.18 21.85
C GLY A 148 -22.99 -12.58 20.43
N CYS A 149 -23.47 -11.84 19.43
CA CYS A 149 -23.13 -12.17 18.05
C CYS A 149 -21.63 -12.05 17.79
N ARG A 150 -21.11 -13.07 17.13
CA ARG A 150 -19.75 -13.15 16.64
C ARG A 150 -19.80 -13.90 15.32
N LEU A 151 -18.67 -13.94 14.62
CA LEU A 151 -18.67 -14.66 13.35
C LEU A 151 -18.98 -16.13 13.56
N HIS A 152 -18.56 -16.67 14.70
CA HIS A 152 -18.72 -18.12 14.85
C HIS A 152 -20.16 -18.53 15.14
N ASN A 153 -21.04 -17.61 15.52
CA ASN A 153 -22.42 -17.97 15.76
C ASN A 153 -23.44 -17.16 14.96
N CYS A 154 -23.03 -16.10 14.24
CA CYS A 154 -24.00 -15.25 13.53
C CYS A 154 -23.72 -15.07 12.05
N PHE A 155 -22.66 -15.65 11.51
CA PHE A 155 -22.31 -15.48 10.11
C PHE A 155 -22.52 -16.78 9.34
N ASP A 156 -23.14 -16.68 8.15
CA ASP A 156 -23.46 -17.84 7.35
C ASP A 156 -22.35 -18.05 6.33
N TYR A 157 -21.42 -18.95 6.65
CA TYR A 157 -20.31 -19.19 5.77
C TYR A 157 -20.74 -19.90 4.50
N SER A 158 -21.92 -20.54 4.49
CA SER A 158 -22.32 -21.25 3.27
C SER A 158 -22.52 -20.29 2.11
N ARG A 159 -22.72 -18.99 2.37
CA ARG A 159 -22.77 -18.02 1.29
C ARG A 159 -21.39 -17.62 0.75
N CYS A 160 -20.30 -18.05 1.40
CA CYS A 160 -18.97 -17.53 1.13
C CYS A 160 -17.92 -18.62 1.01
N PRO A 161 -18.01 -19.45 -0.02
CA PRO A 161 -16.91 -20.39 -0.29
C PRO A 161 -15.60 -19.66 -0.52
N LEU A 162 -14.49 -20.31 -0.10
CA LEU A 162 -13.19 -19.64 -0.16
C LEU A 162 -12.79 -19.25 -1.57
N THR A 163 -13.23 -20.02 -2.56
CA THR A 163 -12.78 -19.82 -3.94
C THR A 163 -13.80 -19.09 -4.80
N SER A 164 -14.91 -18.60 -4.25
CA SER A 164 -15.96 -17.97 -5.05
C SER A 164 -15.84 -16.46 -5.06
N GLY A 165 -14.70 -15.93 -4.68
CA GLY A 165 -14.56 -14.53 -4.60
C GLY A 165 -15.28 -14.04 -3.38
N PHE A 166 -15.56 -12.77 -3.41
CA PHE A 166 -16.23 -12.09 -2.31
C PHE A 166 -17.25 -11.15 -2.93
N PRO A 167 -18.33 -11.70 -3.50
CA PRO A 167 -19.35 -10.82 -4.12
C PRO A 167 -20.14 -10.07 -3.05
N VAL A 168 -20.30 -8.78 -3.28
CA VAL A 168 -20.90 -7.87 -2.31
C VAL A 168 -22.11 -7.19 -2.95
N TYR A 169 -23.25 -7.30 -2.32
CA TYR A 169 -24.47 -6.61 -2.77
C TYR A 169 -24.63 -5.35 -1.95
N VAL A 170 -24.83 -4.22 -2.62
CA VAL A 170 -25.01 -2.93 -1.94
C VAL A 170 -26.45 -2.49 -2.18
N TYR A 171 -27.21 -2.36 -1.12
CA TYR A 171 -28.55 -1.79 -1.24
C TYR A 171 -28.46 -0.35 -1.71
N ASP A 172 -29.42 0.08 -2.52
CA ASP A 172 -29.54 1.48 -2.92
C ASP A 172 -30.37 2.18 -1.84
N SER A 173 -29.73 3.02 -1.03
CA SER A 173 -30.43 3.55 0.14
C SER A 173 -31.61 4.44 -0.28
N ASP A 174 -31.63 4.91 -1.53
CA ASP A 174 -32.77 5.71 -2.03
C ASP A 174 -34.07 4.92 -2.16
N GLN A 175 -34.00 3.59 -2.16
CA GLN A 175 -35.19 2.74 -2.17
C GLN A 175 -35.75 2.49 -0.79
N PHE A 176 -35.10 2.98 0.28
CA PHE A 176 -35.48 2.68 1.65
C PHE A 176 -35.58 4.00 2.41
N VAL A 177 -36.10 3.93 3.64
CA VAL A 177 -36.33 5.18 4.36
C VAL A 177 -35.04 5.93 4.63
N PHE A 178 -33.89 5.22 4.68
CA PHE A 178 -32.67 5.92 5.08
C PHE A 178 -32.25 6.99 4.08
N GLY A 179 -32.55 6.79 2.79
CA GLY A 179 -31.98 7.64 1.76
C GLY A 179 -32.26 9.11 1.99
N SER A 180 -33.52 9.46 2.28
CA SER A 180 -33.87 10.87 2.37
C SER A 180 -33.43 11.50 3.68
N TYR A 181 -33.10 10.70 4.70
CA TYR A 181 -32.57 11.21 5.95
C TYR A 181 -31.05 11.25 5.98
N LEU A 182 -30.39 10.54 5.06
CA LEU A 182 -28.93 10.53 5.03
C LEU A 182 -28.37 11.93 4.80
N ASP A 183 -27.22 12.21 5.42
CA ASP A 183 -26.40 13.32 4.99
C ASP A 183 -26.13 13.23 3.47
N PRO A 184 -26.38 14.29 2.71
CA PRO A 184 -26.26 14.13 1.25
C PRO A 184 -24.83 13.91 0.74
N LEU A 185 -23.82 14.49 1.38
CA LEU A 185 -22.47 14.24 0.90
C LEU A 185 -22.03 12.80 1.22
N VAL A 186 -22.38 12.30 2.40
CA VAL A 186 -22.06 10.90 2.73
C VAL A 186 -22.71 9.97 1.72
N LYS A 187 -24.00 10.17 1.47
CA LYS A 187 -24.68 9.30 0.54
C LYS A 187 -24.05 9.36 -0.84
N GLN A 188 -23.75 10.56 -1.33
CA GLN A 188 -23.23 10.68 -2.68
C GLN A 188 -21.85 10.03 -2.81
N ALA A 189 -20.99 10.23 -1.83
CA ALA A 189 -19.64 9.67 -1.90
C ALA A 189 -19.68 8.15 -1.78
N PHE A 190 -20.53 7.66 -0.90
CA PHE A 190 -20.67 6.21 -0.74
C PHE A 190 -21.19 5.56 -2.02
N GLN A 191 -22.23 6.14 -2.61
CA GLN A 191 -22.78 5.55 -3.83
C GLN A 191 -21.74 5.53 -4.94
N ALA A 192 -20.94 6.59 -5.06
CA ALA A 192 -19.93 6.64 -6.11
C ALA A 192 -18.86 5.58 -5.90
N THR A 193 -18.43 5.39 -4.65
CA THR A 193 -17.42 4.37 -4.37
C THR A 193 -17.96 2.98 -4.62
N ALA A 194 -19.20 2.72 -4.17
CA ALA A 194 -19.78 1.40 -4.37
C ALA A 194 -19.92 1.07 -5.86
N ARG A 195 -20.27 2.08 -6.68
CA ARG A 195 -20.43 1.82 -8.11
C ARG A 195 -19.12 1.43 -8.78
N ALA A 196 -18.01 1.91 -8.26
CA ALA A 196 -16.69 1.70 -8.85
C ALA A 196 -15.97 0.49 -8.27
N ASN A 197 -16.60 -0.23 -7.34
CA ASN A 197 -15.91 -1.28 -6.59
C ASN A 197 -15.94 -2.65 -7.28
N VAL A 198 -14.78 -3.31 -7.30
CA VAL A 198 -14.64 -4.56 -8.04
C VAL A 198 -15.46 -5.70 -7.45
N TYR A 199 -15.78 -5.65 -6.16
CA TYR A 199 -16.50 -6.74 -5.53
C TYR A 199 -18.01 -6.67 -5.71
N VAL A 200 -18.52 -5.51 -6.10
CA VAL A 200 -19.96 -5.27 -5.98
C VAL A 200 -20.66 -5.91 -7.15
N THR A 201 -21.73 -6.64 -6.83
CA THR A 201 -22.58 -7.36 -7.76
C THR A 201 -24.01 -6.88 -7.58
N GLU A 202 -24.77 -6.92 -8.67
CA GLU A 202 -26.20 -6.66 -8.63
C GLU A 202 -27.01 -7.92 -8.39
N ASN A 203 -26.36 -9.06 -8.30
CA ASN A 203 -27.03 -10.35 -8.15
C ASN A 203 -27.06 -10.78 -6.69
N ALA A 204 -28.17 -10.54 -6.02
CA ALA A 204 -28.27 -10.82 -4.59
C ALA A 204 -28.19 -12.30 -4.27
N ASP A 205 -28.50 -13.19 -5.23
CA ASP A 205 -28.54 -14.59 -4.91
C ASP A 205 -27.15 -15.20 -4.79
N ILE A 206 -26.13 -14.55 -5.33
CA ILE A 206 -24.75 -15.04 -5.19
C ILE A 206 -23.94 -14.26 -4.16
N ALA A 207 -24.52 -13.23 -3.55
CA ALA A 207 -23.69 -12.34 -2.76
C ALA A 207 -23.32 -13.00 -1.43
N CYS A 208 -22.10 -12.75 -0.98
CA CYS A 208 -21.59 -13.19 0.32
C CYS A 208 -21.96 -12.19 1.42
N LEU A 209 -21.99 -10.90 1.09
CA LEU A 209 -22.17 -9.82 2.02
C LEU A 209 -23.20 -8.85 1.43
N TYR A 210 -24.03 -8.30 2.29
CA TYR A 210 -25.03 -7.28 1.96
C TYR A 210 -24.71 -6.02 2.75
N VAL A 211 -24.72 -4.87 2.09
CA VAL A 211 -24.27 -3.62 2.66
C VAL A 211 -25.42 -2.62 2.61
N ILE A 212 -25.73 -2.02 3.75
CA ILE A 212 -26.77 -0.97 3.83
C ILE A 212 -26.16 0.25 4.53
N LEU A 213 -26.17 1.39 3.85
CA LEU A 213 -25.78 2.67 4.43
C LEU A 213 -27.01 3.30 5.10
N VAL A 214 -26.88 3.58 6.39
CA VAL A 214 -27.99 4.15 7.16
C VAL A 214 -27.69 5.53 7.72
N GLY A 215 -26.46 6.01 7.67
CA GLY A 215 -26.11 7.30 8.25
C GLY A 215 -24.70 7.67 7.88
N GLU A 216 -24.28 8.85 8.36
CA GLU A 216 -25.01 9.61 9.37
C GLU A 216 -26.21 10.33 8.77
N MET A 217 -27.14 10.70 9.64
CA MET A 217 -28.38 11.35 9.24
C MET A 217 -28.29 12.84 9.44
N GLN A 218 -29.14 13.55 8.71
CA GLN A 218 -29.21 14.99 8.83
C GLN A 218 -29.72 15.36 10.20
N GLU A 219 -29.18 16.46 10.77
CA GLU A 219 -29.62 16.90 12.10
C GLU A 219 -30.63 18.03 11.98
N PRO A 220 -31.63 18.07 12.85
CA PRO A 220 -31.92 17.14 13.95
C PRO A 220 -32.51 15.82 13.45
N VAL A 221 -32.18 14.72 14.12
CA VAL A 221 -32.53 13.41 13.59
C VAL A 221 -34.03 13.17 13.68
N VAL A 222 -34.69 13.28 12.52
CA VAL A 222 -36.13 13.04 12.43
C VAL A 222 -36.45 11.61 12.85
N LEU A 223 -35.76 10.64 12.26
CA LEU A 223 -36.19 9.25 12.33
C LEU A 223 -35.97 8.64 13.70
N ARG A 224 -37.01 7.98 14.24
CA ARG A 224 -36.96 7.37 15.56
C ARG A 224 -36.32 5.98 15.52
N PRO A 225 -35.79 5.51 16.66
CA PRO A 225 -35.06 4.23 16.66
C PRO A 225 -35.84 2.99 16.28
N ALA A 226 -36.92 2.69 17.02
CA ALA A 226 -37.70 1.50 16.72
C ALA A 226 -38.16 1.49 15.27
N GLU A 227 -38.16 2.64 14.62
CA GLU A 227 -38.48 2.78 13.20
C GLU A 227 -37.30 2.34 12.34
N LEU A 228 -36.11 2.84 12.66
CA LEU A 228 -34.90 2.36 12.01
C LEU A 228 -34.82 0.84 12.05
N GLU A 229 -35.15 0.26 13.20
CA GLU A 229 -35.18 -1.19 13.36
C GLU A 229 -36.16 -1.82 12.37
N LYS A 230 -37.36 -1.27 12.26
CA LYS A 230 -38.33 -1.90 11.36
C LYS A 230 -37.86 -1.87 9.91
N GLN A 231 -37.21 -0.78 9.47
CA GLN A 231 -36.79 -0.72 8.08
CA GLN A 231 -36.80 -0.72 8.08
C GLN A 231 -35.61 -1.64 7.82
N LEU A 232 -34.74 -1.84 8.82
CA LEU A 232 -33.67 -2.83 8.67
C LEU A 232 -34.25 -4.21 8.44
N TYR A 233 -35.19 -4.61 9.32
CA TYR A 233 -35.82 -5.92 9.20
C TYR A 233 -36.66 -6.05 7.94
N SER A 234 -37.02 -4.93 7.28
CA SER A 234 -37.73 -4.95 6.01
C SER A 234 -36.83 -4.97 4.79
N LEU A 235 -35.50 -4.98 4.95
CA LEU A 235 -34.66 -4.93 3.76
C LEU A 235 -34.89 -6.17 2.89
N PRO A 236 -34.77 -6.02 1.57
CA PRO A 236 -35.12 -7.13 0.64
C PRO A 236 -34.50 -8.47 0.97
N HIS A 237 -33.22 -8.49 1.38
CA HIS A 237 -32.52 -9.74 1.60
C HIS A 237 -32.14 -9.96 3.06
N TRP A 238 -32.85 -9.31 3.96
CA TRP A 238 -32.63 -9.52 5.39
C TRP A 238 -32.90 -10.96 5.80
N ARG A 239 -33.82 -11.63 5.13
CA ARG A 239 -34.26 -12.99 5.51
C ARG A 239 -34.86 -12.86 6.92
N THR A 240 -34.53 -13.71 7.86
CA THR A 240 -35.21 -13.54 9.13
C THR A 240 -34.46 -12.66 10.11
N ASP A 241 -33.17 -12.37 9.84
CA ASP A 241 -32.32 -11.93 10.93
C ASP A 241 -31.15 -11.08 10.49
N GLY A 242 -30.99 -10.77 9.21
CA GLY A 242 -29.93 -9.89 8.79
C GLY A 242 -28.57 -10.55 8.76
N HIS A 243 -28.50 -11.87 8.75
CA HIS A 243 -27.16 -12.47 8.70
C HIS A 243 -26.45 -12.02 7.44
N ASN A 244 -25.11 -11.89 7.54
CA ASN A 244 -24.24 -11.52 6.43
C ASN A 244 -24.51 -10.10 5.92
N HIS A 245 -25.13 -9.27 6.76
CA HIS A 245 -25.27 -7.86 6.48
C HIS A 245 -24.27 -7.06 7.30
N VAL A 246 -23.82 -5.96 6.72
CA VAL A 246 -23.10 -4.93 7.45
C VAL A 246 -23.87 -3.62 7.28
N ILE A 247 -24.15 -3.00 8.41
CA ILE A 247 -24.82 -1.70 8.52
C ILE A 247 -23.73 -0.66 8.66
N ILE A 248 -23.64 0.27 7.70
CA ILE A 248 -22.58 1.26 7.66
C ILE A 248 -23.18 2.60 8.02
N ASN A 249 -22.53 3.29 8.95
CA ASN A 249 -23.01 4.57 9.50
C ASN A 249 -21.77 5.46 9.62
N LEU A 250 -21.54 6.29 8.60
CA LEU A 250 -20.33 7.09 8.47
C LEU A 250 -20.54 8.51 8.99
N SER A 251 -19.67 8.92 9.89
CA SER A 251 -19.75 10.26 10.47
C SER A 251 -19.17 11.31 9.52
N ARG A 252 -19.72 12.53 9.59
CA ARG A 252 -19.10 13.61 8.86
C ARG A 252 -19.24 14.95 9.57
N LYS A 253 -20.47 15.28 9.98
CA LYS A 253 -20.75 16.58 10.54
C LYS A 253 -21.16 16.58 12.00
N SER A 254 -21.62 15.45 12.51
CA SER A 254 -22.17 15.38 13.85
C SER A 254 -21.26 14.56 14.72
N ASP A 255 -21.15 14.96 15.99
CA ASP A 255 -20.43 14.20 17.00
C ASP A 255 -21.33 13.73 18.13
N THR A 256 -22.64 13.89 17.99
CA THR A 256 -23.58 13.47 19.02
C THR A 256 -24.47 12.33 18.61
N GLN A 257 -24.36 11.87 17.36
CA GLN A 257 -25.24 10.80 16.91
C GLN A 257 -24.81 9.45 17.44
N ASN A 258 -25.78 8.64 17.80
CA ASN A 258 -25.59 7.24 18.11
C ASN A 258 -26.84 6.50 17.61
N LEU A 259 -26.97 6.44 16.28
CA LEU A 259 -28.22 6.05 15.65
C LEU A 259 -28.70 4.66 16.04
N LEU A 260 -27.79 3.73 16.29
CA LEU A 260 -28.20 2.34 16.45
C LEU A 260 -28.27 1.92 17.91
N TYR A 261 -28.08 2.85 18.83
CA TYR A 261 -28.03 2.50 20.25
C TYR A 261 -29.26 1.70 20.67
N ASN A 262 -30.45 2.21 20.35
CA ASN A 262 -31.68 1.53 20.77
C ASN A 262 -32.25 0.62 19.68
N VAL A 263 -31.40 0.10 18.79
CA VAL A 263 -31.83 -0.60 17.59
C VAL A 263 -31.33 -2.03 17.65
N SER A 264 -32.26 -3.00 17.57
CA SER A 264 -31.87 -4.39 17.41
C SER A 264 -31.38 -4.64 16.00
N THR A 265 -30.20 -5.24 15.87
CA THR A 265 -29.55 -5.39 14.57
C THR A 265 -29.54 -6.83 14.09
N GLY A 266 -30.28 -7.72 14.75
CA GLY A 266 -30.33 -9.10 14.32
C GLY A 266 -28.94 -9.70 14.34
N ARG A 267 -28.57 -10.34 13.25
CA ARG A 267 -27.24 -10.91 13.07
C ARG A 267 -26.32 -10.04 12.23
N ALA A 268 -26.70 -8.79 11.98
CA ALA A 268 -25.86 -7.93 11.17
C ALA A 268 -24.69 -7.36 11.96
N MET A 269 -23.58 -7.13 11.25
CA MET A 269 -22.44 -6.35 11.73
C MET A 269 -22.73 -4.87 11.61
N VAL A 270 -22.09 -4.08 12.46
CA VAL A 270 -22.21 -2.61 12.43
C VAL A 270 -20.85 -1.98 12.26
N ALA A 271 -20.75 -1.05 11.31
CA ALA A 271 -19.53 -0.30 11.04
C ALA A 271 -19.81 1.19 11.25
N GLN A 272 -19.16 1.80 12.25
CA GLN A 272 -19.43 3.20 12.60
C GLN A 272 -18.28 3.69 13.49
N SER A 273 -18.33 4.98 13.85
CA SER A 273 -17.25 5.60 14.62
C SER A 273 -17.61 5.82 16.09
N THR A 274 -18.85 5.55 16.49
CA THR A 274 -19.29 5.69 17.87
C THR A 274 -19.84 4.39 18.41
N PHE A 275 -19.29 3.93 19.54
CA PHE A 275 -19.81 2.76 20.22
C PHE A 275 -19.69 2.94 21.73
N TYR A 276 -20.76 2.61 22.45
CA TYR A 276 -20.66 2.31 23.87
C TYR A 276 -20.38 0.82 24.04
N THR A 277 -19.87 0.47 25.21
CA THR A 277 -19.61 -0.94 25.50
C THR A 277 -20.81 -1.84 25.28
N VAL A 278 -22.01 -1.39 25.64
CA VAL A 278 -23.15 -2.31 25.51
C VAL A 278 -23.30 -2.75 24.05
N GLN A 279 -22.93 -1.90 23.09
CA GLN A 279 -23.24 -2.22 21.70
C GLN A 279 -22.08 -2.78 20.91
N TYR A 280 -20.83 -2.61 21.36
CA TYR A 280 -19.71 -3.03 20.54
C TYR A 280 -19.49 -4.53 20.74
N ARG A 281 -19.48 -5.28 19.63
CA ARG A 281 -19.15 -6.70 19.58
C ARG A 281 -17.75 -6.86 19.01
N PRO A 282 -16.71 -7.13 19.82
CA PRO A 282 -15.35 -7.18 19.26
C PRO A 282 -15.15 -8.35 18.31
N GLY A 283 -14.40 -8.08 17.23
CA GLY A 283 -14.18 -9.04 16.18
C GLY A 283 -15.35 -9.22 15.24
N PHE A 284 -16.42 -8.43 15.42
CA PHE A 284 -17.65 -8.62 14.65
C PHE A 284 -18.08 -7.26 14.12
N ASP A 285 -18.28 -6.31 15.01
CA ASP A 285 -18.48 -4.95 14.56
C ASP A 285 -17.16 -4.38 14.04
N LEU A 286 -17.24 -3.19 13.44
CA LEU A 286 -16.09 -2.52 12.86
C LEU A 286 -16.09 -1.08 13.33
N VAL A 287 -14.99 -0.63 13.93
CA VAL A 287 -14.80 0.79 14.21
C VAL A 287 -14.13 1.39 12.98
N VAL A 288 -14.75 2.41 12.39
CA VAL A 288 -14.22 2.98 11.16
C VAL A 288 -13.95 4.48 11.34
N SER A 289 -13.32 5.05 10.34
CA SER A 289 -12.93 6.45 10.27
C SER A 289 -14.12 7.31 9.86
N PRO A 290 -14.17 8.55 10.32
CA PRO A 290 -15.16 9.48 9.77
C PRO A 290 -14.86 9.77 8.31
N LEU A 291 -15.93 10.08 7.56
CA LEU A 291 -15.79 10.40 6.15
C LEU A 291 -15.61 11.90 6.00
N VAL A 292 -14.37 12.33 5.94
CA VAL A 292 -14.08 13.77 5.90
C VAL A 292 -14.17 14.28 4.48
N HIS A 293 -13.45 13.65 3.55
CA HIS A 293 -13.37 14.16 2.19
C HIS A 293 -14.45 13.57 1.28
N ALA A 294 -15.70 13.63 1.73
CA ALA A 294 -16.80 13.19 0.88
C ALA A 294 -16.92 14.08 -0.35
N MET A 295 -16.89 13.46 -1.54
CA MET A 295 -17.00 14.18 -2.81
C MET A 295 -15.90 15.24 -2.95
N SER A 296 -14.73 14.98 -2.36
CA SER A 296 -13.55 15.79 -2.59
C SER A 296 -12.35 14.87 -2.55
N GLU A 297 -11.19 15.41 -2.91
CA GLU A 297 -9.94 14.67 -2.84
C GLU A 297 -9.00 15.40 -1.89
N PRO A 298 -8.35 14.70 -0.96
CA PRO A 298 -7.31 15.37 -0.15
C PRO A 298 -6.16 15.85 -1.03
N ASN A 299 -5.59 16.98 -0.66
CA ASN A 299 -4.43 17.52 -1.35
C ASN A 299 -3.19 17.18 -0.53
N PHE A 300 -2.39 16.24 -1.02
CA PHE A 300 -1.16 15.87 -0.34
C PHE A 300 -0.17 17.00 -0.25
N MET A 301 -0.26 18.00 -1.13
CA MET A 301 0.69 19.11 -1.08
C MET A 301 0.40 20.06 0.08
N GLU A 302 -0.72 19.89 0.77
CA GLU A 302 -0.99 20.65 1.99
C GLU A 302 -0.50 19.93 3.24
N ILE A 303 -0.04 18.70 3.11
CA ILE A 303 0.48 17.96 4.27
C ILE A 303 1.90 18.43 4.55
N PRO A 304 2.20 18.88 5.76
CA PRO A 304 3.57 19.30 6.06
C PRO A 304 4.55 18.17 5.82
N PRO A 305 5.80 18.51 5.46
CA PRO A 305 6.81 17.47 5.27
C PRO A 305 7.03 16.77 6.59
N GLN A 306 7.42 15.48 6.50
CA GLN A 306 7.65 14.70 7.70
C GLN A 306 8.93 15.11 8.43
N VAL A 307 9.87 15.78 7.75
CA VAL A 307 11.14 16.21 8.32
C VAL A 307 11.14 17.73 8.18
N PRO A 308 11.60 18.52 9.19
CA PRO A 308 12.25 18.12 10.45
C PRO A 308 11.32 17.32 11.35
N VAL A 309 11.94 16.46 12.16
CA VAL A 309 11.18 15.60 13.06
C VAL A 309 10.41 16.44 14.06
N LYS A 310 11.10 17.36 14.74
CA LYS A 310 10.52 18.20 15.77
C LYS A 310 9.93 19.46 15.17
N ARG A 311 8.73 19.78 15.53
CA ARG A 311 8.03 20.95 15.06
C ARG A 311 8.00 21.99 16.18
N LYS A 312 7.29 23.09 15.96
CA LYS A 312 7.28 24.20 16.92
C LYS A 312 6.91 23.75 18.33
N TYR A 313 5.80 23.04 18.45
CA TYR A 313 5.26 22.60 19.73
C TYR A 313 5.57 21.12 19.90
N LEU A 314 6.10 20.76 21.08
CA LEU A 314 6.26 19.33 21.39
C LEU A 314 4.91 18.63 21.34
N PHE A 315 3.91 19.21 22.00
CA PHE A 315 2.56 18.71 21.89
C PHE A 315 1.55 19.83 22.09
N THR A 316 0.35 19.60 21.55
CA THR A 316 -0.78 20.49 21.72
C THR A 316 -2.07 19.73 22.02
N PHE A 317 -3.04 20.47 22.55
CA PHE A 317 -4.37 19.97 22.79
C PHE A 317 -5.33 21.17 22.82
N GLN A 318 -6.49 20.99 22.20
CA GLN A 318 -7.59 21.95 22.30
C GLN A 318 -8.88 21.19 22.56
N GLY A 319 -9.58 21.55 23.63
CA GLY A 319 -10.88 20.95 23.85
C GLY A 319 -11.60 21.67 24.99
N GLU A 320 -12.85 21.30 25.17
CA GLU A 320 -13.65 21.84 26.27
C GLU A 320 -14.67 20.80 26.69
N LYS A 321 -14.79 20.62 28.00
CA LYS A 321 -15.71 19.66 28.57
C LYS A 321 -16.75 20.42 29.37
N ILE A 322 -18.01 20.28 28.98
CA ILE A 322 -19.04 21.01 29.73
C ILE A 322 -19.67 20.13 30.81
N ASP A 346 -13.29 11.91 37.21
CA ASP A 346 -12.28 10.95 37.67
C ASP A 346 -10.86 11.52 37.42
N TYR A 347 -10.08 10.87 36.55
CA TYR A 347 -8.68 11.26 36.34
C TYR A 347 -8.52 12.56 35.57
N ASP A 348 -9.61 13.03 34.94
CA ASP A 348 -9.63 14.30 34.23
C ASP A 348 -8.88 15.39 34.95
N ASP A 349 -9.15 15.52 36.25
CA ASP A 349 -8.67 16.67 36.99
C ASP A 349 -7.16 16.63 37.16
N ARG A 350 -6.60 15.44 37.39
CA ARG A 350 -5.15 15.32 37.47
C ARG A 350 -4.51 15.53 36.12
N ILE A 351 -5.16 15.08 35.04
CA ILE A 351 -4.62 15.28 33.69
C ILE A 351 -4.47 16.78 33.43
N ILE A 352 -5.51 17.54 33.73
CA ILE A 352 -5.47 18.98 33.47
C ILE A 352 -4.37 19.63 34.27
N ALA A 353 -4.28 19.30 35.55
CA ALA A 353 -3.26 19.92 36.38
C ALA A 353 -1.87 19.53 35.92
N THR A 354 -1.67 18.26 35.55
CA THR A 354 -0.36 17.81 35.12
C THR A 354 0.08 18.53 33.85
N LEU A 355 -0.81 18.64 32.88
CA LEU A 355 -0.44 19.22 31.58
C LEU A 355 -0.26 20.72 31.70
N LYS A 356 -1.13 21.38 32.48
CA LYS A 356 -0.92 22.80 32.76
C LYS A 356 0.45 23.03 33.41
N ALA A 357 0.85 22.18 34.34
CA ALA A 357 2.15 22.32 34.95
C ALA A 357 3.28 22.10 33.95
N VAL A 358 3.12 21.20 32.99
CA VAL A 358 4.14 21.07 31.95
C VAL A 358 4.25 22.38 31.17
N GLN A 359 3.14 22.92 30.73
CA GLN A 359 3.16 24.19 30.02
C GLN A 359 3.80 25.29 30.88
N ASP A 360 3.43 25.35 32.17
CA ASP A 360 3.95 26.41 33.04
C ASP A 360 5.43 26.27 33.34
N SER A 361 5.99 25.06 33.25
CA SER A 361 7.39 24.81 33.55
C SER A 361 8.32 25.38 32.49
N LYS A 362 7.79 25.63 31.29
CA LYS A 362 8.58 26.15 30.16
C LYS A 362 9.84 25.32 29.93
N LEU A 363 9.72 23.99 30.08
CA LEU A 363 10.77 23.06 29.70
C LEU A 363 10.64 22.61 28.27
N ASP A 364 9.48 22.85 27.66
CA ASP A 364 9.27 22.57 26.26
C ASP A 364 8.25 23.59 25.78
N GLN A 365 8.16 23.75 24.47
CA GLN A 365 7.13 24.60 23.88
C GLN A 365 5.87 23.77 23.67
N VAL A 366 4.83 24.03 24.46
CA VAL A 366 3.58 23.31 24.34
C VAL A 366 2.43 24.28 24.36
N LEU A 367 1.29 23.84 23.85
CA LEU A 367 0.07 24.63 23.86
C LEU A 367 -1.09 23.71 24.15
N VAL A 368 -1.59 23.80 25.38
CA VAL A 368 -2.72 23.03 25.86
C VAL A 368 -3.83 23.99 26.31
N GLU A 369 -5.01 23.79 25.75
CA GLU A 369 -6.18 24.63 26.01
C GLU A 369 -7.35 23.75 26.39
N PHE A 370 -7.93 24.01 27.56
CA PHE A 370 -9.07 23.23 28.04
C PHE A 370 -10.39 23.99 27.99
N THR A 371 -10.42 25.12 27.31
CA THR A 371 -11.66 25.71 26.84
C THR A 371 -11.44 26.12 25.40
N CYS A 372 -12.54 26.32 24.67
CA CYS A 372 -12.50 26.80 23.30
C CYS A 372 -12.72 28.32 23.29
N LYS A 373 -12.11 29.00 22.32
CA LYS A 373 -12.32 30.43 22.16
C LYS A 373 -13.80 30.76 22.05
N ASN A 374 -14.47 30.10 21.11
CA ASN A 374 -15.90 30.28 20.89
C ASN A 374 -16.64 29.07 21.47
N GLN A 375 -17.91 28.91 21.09
CA GLN A 375 -18.70 27.80 21.63
C GLN A 375 -18.13 26.48 21.11
N PRO A 376 -17.93 25.49 21.98
CA PRO A 376 -17.41 24.20 21.49
C PRO A 376 -18.47 23.46 20.69
N LYS A 377 -18.00 22.55 19.84
CA LYS A 377 -18.90 21.71 19.07
C LYS A 377 -19.68 20.79 20.02
N PRO A 378 -20.94 20.48 19.72
CA PRO A 378 -21.68 19.55 20.56
C PRO A 378 -21.00 18.20 20.59
N SER A 379 -21.16 17.49 21.70
CA SER A 379 -20.44 16.23 21.88
C SER A 379 -21.26 15.29 22.77
N LEU A 380 -20.76 14.06 22.93
CA LEU A 380 -21.40 13.16 23.88
C LEU A 380 -20.98 13.52 25.30
N PRO A 381 -21.75 13.09 26.29
CA PRO A 381 -21.37 13.35 27.69
C PRO A 381 -19.97 12.83 28.00
N THR A 382 -19.22 13.64 28.76
CA THR A 382 -17.89 13.38 29.33
C THR A 382 -16.78 13.51 28.28
N GLU A 383 -17.11 13.89 27.06
CA GLU A 383 -16.14 14.06 25.99
C GLU A 383 -15.48 15.43 26.03
N TRP A 384 -14.21 15.45 25.67
CA TRP A 384 -13.52 16.71 25.40
C TRP A 384 -13.95 17.16 24.02
N ALA A 385 -14.91 18.10 23.97
CA ALA A 385 -15.45 18.58 22.71
C ALA A 385 -14.40 19.26 21.84
N LEU A 386 -14.59 19.15 20.52
CA LEU A 386 -13.72 19.78 19.55
C LEU A 386 -13.96 21.28 19.50
N CYS A 387 -12.89 22.01 19.22
CA CYS A 387 -12.93 23.47 19.18
C CYS A 387 -12.89 23.97 17.74
N GLY A 388 -13.69 25.00 17.44
CA GLY A 388 -13.52 25.64 16.16
C GLY A 388 -13.90 24.76 15.00
N GLU A 389 -13.33 25.09 13.86
CA GLU A 389 -13.57 24.33 12.64
C GLU A 389 -12.33 23.50 12.33
N ARG A 390 -12.53 22.52 11.47
CA ARG A 390 -11.42 21.67 11.05
C ARG A 390 -10.20 22.49 10.63
N GLU A 391 -10.41 23.59 9.89
CA GLU A 391 -9.29 24.38 9.42
C GLU A 391 -8.52 25.04 10.56
N ASP A 392 -9.22 25.49 11.61
CA ASP A 392 -8.55 26.04 12.78
C ASP A 392 -7.70 24.98 13.47
N ARG A 393 -8.28 23.81 13.68
CA ARG A 393 -7.56 22.75 14.41
C ARG A 393 -6.33 22.31 13.66
N LEU A 394 -6.44 22.13 12.34
CA LEU A 394 -5.30 21.68 11.56
C LEU A 394 -4.16 22.66 11.60
N GLU A 395 -4.47 23.97 11.69
CA GLU A 395 -3.37 24.92 11.66
C GLU A 395 -2.44 24.72 12.84
N LEU A 396 -3.00 24.35 14.00
CA LEU A 396 -2.16 24.09 15.16
C LEU A 396 -1.51 22.71 15.06
N LEU A 397 -2.25 21.73 14.57
CA LEU A 397 -1.70 20.38 14.49
C LEU A 397 -0.52 20.30 13.52
N LYS A 398 -0.54 21.12 12.45
CA LYS A 398 0.59 21.15 11.55
C LYS A 398 1.88 21.62 12.21
N LEU A 399 1.76 22.37 13.32
CA LEU A 399 2.89 22.84 14.08
C LEU A 399 3.22 21.97 15.27
N SER A 400 2.61 20.80 15.38
CA SER A 400 2.71 19.95 16.56
C SER A 400 3.47 18.67 16.24
N THR A 401 4.50 18.39 17.01
CA THR A 401 5.21 17.12 16.88
C THR A 401 4.28 15.98 17.25
N PHE A 402 3.61 16.10 18.39
CA PHE A 402 2.62 15.18 18.93
C PHE A 402 1.30 15.91 19.14
N ALA A 403 0.19 15.18 19.02
CA ALA A 403 -1.16 15.66 19.32
C ALA A 403 -1.75 14.84 20.46
N LEU A 404 -2.14 15.49 21.57
CA LEU A 404 -2.85 14.78 22.63
C LEU A 404 -4.31 14.51 22.27
N ILE A 405 -4.79 13.33 22.59
CA ILE A 405 -6.17 12.95 22.48
C ILE A 405 -6.56 12.41 23.84
N ILE A 406 -7.43 13.13 24.57
CA ILE A 406 -7.88 12.71 25.89
C ILE A 406 -9.20 11.99 25.71
N THR A 407 -9.23 10.71 26.02
CA THR A 407 -10.43 9.96 25.79
C THR A 407 -11.53 10.39 26.77
N PRO A 408 -12.76 10.04 26.47
CA PRO A 408 -13.88 10.51 27.29
C PRO A 408 -13.78 10.06 28.74
N GLY A 409 -14.40 10.85 29.61
CA GLY A 409 -14.42 10.53 31.03
C GLY A 409 -15.13 9.22 31.33
N ASP A 410 -16.22 8.95 30.64
CA ASP A 410 -16.97 7.72 30.84
C ASP A 410 -16.27 6.56 30.16
N PRO A 411 -15.70 5.62 30.92
CA PRO A 411 -14.99 4.49 30.28
C PRO A 411 -15.85 3.62 29.37
N ARG A 412 -17.17 3.68 29.50
CA ARG A 412 -18.08 2.91 28.65
C ARG A 412 -18.14 3.44 27.23
N LEU A 413 -17.66 4.65 27.01
CA LEU A 413 -17.63 5.24 25.68
C LEU A 413 -16.33 4.77 25.03
N VAL A 414 -16.43 3.65 24.30
CA VAL A 414 -15.30 2.93 23.70
C VAL A 414 -14.63 3.75 22.60
N ILE A 415 -15.42 4.47 21.81
CA ILE A 415 -14.91 5.32 20.75
C ILE A 415 -16.05 6.24 20.39
N SER A 416 -15.71 7.44 19.94
CA SER A 416 -16.71 8.39 19.49
C SER A 416 -16.23 9.02 18.19
N SER A 417 -17.20 9.58 17.43
CA SER A 417 -16.89 10.34 16.24
C SER A 417 -15.90 11.43 16.54
N GLY A 418 -16.05 12.11 17.68
CA GLY A 418 -15.13 13.19 17.99
C GLY A 418 -13.72 12.71 18.22
N CYS A 419 -13.56 11.62 18.95
CA CYS A 419 -12.26 11.02 19.17
CA CYS A 419 -12.25 11.02 19.17
C CYS A 419 -11.64 10.56 17.86
N ALA A 420 -12.43 9.90 17.04
CA ALA A 420 -11.93 9.43 15.76
C ALA A 420 -11.56 10.59 14.86
N THR A 421 -12.26 11.72 14.97
CA THR A 421 -11.90 12.93 14.22
C THR A 421 -10.58 13.50 14.70
N ARG A 422 -10.35 13.54 16.01
CA ARG A 422 -9.05 13.98 16.49
C ARG A 422 -7.93 13.09 15.94
N LEU A 423 -8.16 11.79 15.86
CA LEU A 423 -7.16 10.89 15.31
C LEU A 423 -6.92 11.17 13.84
N PHE A 424 -7.99 11.25 13.07
CA PHE A 424 -7.94 11.59 11.65
C PHE A 424 -7.10 12.83 11.42
N GLU A 425 -7.39 13.91 12.16
CA GLU A 425 -6.76 15.20 11.90
C GLU A 425 -5.29 15.20 12.29
N ALA A 426 -4.95 14.57 13.42
CA ALA A 426 -3.55 14.45 13.78
C ALA A 426 -2.79 13.67 12.70
N LEU A 427 -3.33 12.53 12.28
CA LEU A 427 -2.60 11.71 11.31
C LEU A 427 -2.50 12.42 9.98
N GLU A 428 -3.54 13.17 9.62
CA GLU A 428 -3.59 13.89 8.35
C GLU A 428 -2.40 14.82 8.18
N VAL A 429 -1.92 15.42 9.27
CA VAL A 429 -0.84 16.38 9.12
C VAL A 429 0.44 15.98 9.86
N GLY A 430 0.56 14.72 10.27
CA GLY A 430 1.80 14.22 10.82
C GLY A 430 2.01 14.44 12.30
N ALA A 431 1.04 14.94 13.03
CA ALA A 431 1.18 15.05 14.47
C ALA A 431 0.98 13.64 15.01
N VAL A 432 1.96 13.12 15.74
CA VAL A 432 1.89 11.75 16.24
C VAL A 432 0.91 11.73 17.40
N PRO A 433 -0.15 10.92 17.32
CA PRO A 433 -1.17 10.93 18.37
C PRO A 433 -0.62 10.36 19.67
N VAL A 434 -1.01 11.00 20.76
CA VAL A 434 -0.75 10.53 22.12
C VAL A 434 -2.12 10.37 22.75
N VAL A 435 -2.60 9.14 22.86
CA VAL A 435 -3.96 8.88 23.30
C VAL A 435 -3.91 8.55 24.78
N LEU A 436 -4.57 9.36 25.61
CA LEU A 436 -4.64 9.08 27.04
C LEU A 436 -5.91 8.31 27.34
N GLY A 437 -5.77 7.03 27.71
CA GLY A 437 -6.90 6.19 28.01
C GLY A 437 -6.86 4.93 27.16
N GLU A 438 -6.56 3.79 27.78
CA GLU A 438 -6.42 2.56 27.02
C GLU A 438 -7.72 1.86 26.71
N GLN A 439 -8.83 2.28 27.30
CA GLN A 439 -10.11 1.64 27.04
C GLN A 439 -10.63 1.91 25.63
N VAL A 440 -9.99 2.81 24.90
CA VAL A 440 -10.47 3.20 23.58
C VAL A 440 -10.23 2.09 22.56
N GLN A 441 -11.16 1.99 21.62
CA GLN A 441 -11.09 1.13 20.45
C GLN A 441 -10.88 2.03 19.25
N LEU A 442 -9.64 2.11 18.75
CA LEU A 442 -9.34 2.97 17.62
C LEU A 442 -9.84 2.34 16.34
N PRO A 443 -10.06 3.13 15.31
CA PRO A 443 -10.53 2.58 14.05
C PRO A 443 -9.64 1.46 13.55
N TYR A 444 -10.29 0.37 13.16
CA TYR A 444 -9.68 -0.79 12.51
C TYR A 444 -8.67 -1.48 13.41
N GLN A 445 -8.85 -1.35 14.72
CA GLN A 445 -7.84 -1.81 15.67
C GLN A 445 -7.66 -3.32 15.61
N ASP A 446 -8.68 -4.08 15.19
CA ASP A 446 -8.46 -5.53 15.05
C ASP A 446 -7.42 -5.87 14.01
N MET A 447 -7.18 -4.99 13.04
CA MET A 447 -6.24 -5.21 11.96
CA MET A 447 -6.24 -5.23 11.97
C MET A 447 -4.95 -4.44 12.11
N LEU A 448 -5.02 -3.24 12.72
CA LEU A 448 -3.86 -2.35 12.75
C LEU A 448 -3.17 -2.38 14.10
N GLN A 449 -1.83 -2.41 14.07
CA GLN A 449 -1.01 -2.30 15.27
C GLN A 449 -0.85 -0.82 15.56
N TRP A 450 -1.76 -0.24 16.36
CA TRP A 450 -1.77 1.22 16.50
C TRP A 450 -0.58 1.73 17.27
N ASN A 451 0.08 0.86 18.06
CA ASN A 451 1.27 1.35 18.76
C ASN A 451 2.37 1.77 17.81
N GLU A 452 2.34 1.33 16.54
CA GLU A 452 3.36 1.76 15.62
C GLU A 452 3.16 3.20 15.14
N ALA A 453 1.97 3.75 15.29
CA ALA A 453 1.64 5.09 14.81
C ALA A 453 1.23 6.06 15.91
N ALA A 454 0.97 5.58 17.12
CA ALA A 454 0.40 6.40 18.16
C ALA A 454 0.91 5.87 19.49
N LEU A 455 1.16 6.77 20.45
CA LEU A 455 1.40 6.41 21.83
C LEU A 455 0.05 6.28 22.51
N VAL A 456 -0.26 5.11 23.06
CA VAL A 456 -1.53 4.92 23.72
C VAL A 456 -1.15 4.64 25.18
N VAL A 457 -1.50 5.57 26.08
CA VAL A 457 -0.94 5.65 27.44
C VAL A 457 -2.11 5.59 28.41
N PRO A 458 -2.04 4.84 29.51
CA PRO A 458 -3.08 4.92 30.52
C PRO A 458 -3.17 6.33 31.10
N LYS A 459 -4.38 6.73 31.48
CA LYS A 459 -4.54 8.07 32.06
C LYS A 459 -3.69 8.22 33.31
N PRO A 460 -3.55 7.20 34.18
CA PRO A 460 -2.63 7.37 35.33
C PRO A 460 -1.18 7.67 34.97
N ARG A 461 -0.71 7.36 33.75
CA ARG A 461 0.64 7.66 33.36
C ARG A 461 0.79 9.05 32.73
N VAL A 462 -0.21 9.91 32.90
CA VAL A 462 -0.11 11.30 32.43
C VAL A 462 1.09 11.99 33.06
N THR A 463 1.46 11.60 34.29
CA THR A 463 2.59 12.20 34.98
C THR A 463 3.93 11.80 34.39
N GLU A 464 3.95 10.85 33.45
CA GLU A 464 5.14 10.36 32.79
C GLU A 464 5.17 10.73 31.31
N VAL A 465 4.13 11.40 30.80
CA VAL A 465 4.01 11.63 29.36
C VAL A 465 5.10 12.58 28.88
N HIS A 466 5.38 13.63 29.64
CA HIS A 466 6.42 14.58 29.22
C HIS A 466 7.76 13.88 29.04
N PHE A 467 8.19 13.12 30.05
CA PHE A 467 9.40 12.32 29.98
C PHE A 467 9.40 11.39 28.78
N LEU A 468 8.28 10.71 28.56
CA LEU A 468 8.20 9.76 27.46
C LEU A 468 8.38 10.45 26.11
N LEU A 469 7.69 11.59 25.91
CA LEU A 469 7.80 12.29 24.63
C LEU A 469 9.23 12.75 24.39
N ARG A 470 9.90 13.22 25.45
CA ARG A 470 11.29 13.65 25.32
C ARG A 470 12.27 12.50 25.14
N SER A 471 11.88 11.26 25.45
CA SER A 471 12.79 10.14 25.40
C SER A 471 12.82 9.46 24.03
N LEU A 472 11.86 9.75 23.14
CA LEU A 472 11.84 9.08 21.84
C LEU A 472 12.92 9.64 20.91
N SER A 473 13.66 8.76 20.27
CA SER A 473 14.69 9.17 19.35
C SER A 473 14.07 9.76 18.09
N ASP A 474 14.86 10.58 17.38
CA ASP A 474 14.36 11.12 16.13
C ASP A 474 13.97 10.02 15.14
N SER A 475 14.78 8.94 15.06
CA SER A 475 14.46 7.92 14.05
C SER A 475 13.20 7.16 14.42
N ASP A 476 12.99 6.94 15.72
CA ASP A 476 11.76 6.25 16.12
C ASP A 476 10.55 7.13 15.90
N LEU A 477 10.69 8.42 16.22
CA LEU A 477 9.58 9.35 16.05
C LEU A 477 9.22 9.50 14.59
N LEU A 478 10.23 9.60 13.73
CA LEU A 478 9.97 9.70 12.30
C LEU A 478 9.30 8.43 11.78
N ALA A 479 9.73 7.27 12.28
CA ALA A 479 9.06 6.03 11.86
C ALA A 479 7.58 6.03 12.23
N MET A 480 7.26 6.57 13.42
CA MET A 480 5.86 6.65 13.83
C MET A 480 5.08 7.58 12.92
N ARG A 481 5.68 8.72 12.56
CA ARG A 481 5.00 9.63 11.64
C ARG A 481 4.79 8.99 10.27
N ARG A 482 5.81 8.30 9.77
CA ARG A 482 5.70 7.61 8.48
C ARG A 482 4.61 6.54 8.52
N GLN A 483 4.55 5.79 9.63
CA GLN A 483 3.50 4.79 9.72
C GLN A 483 2.12 5.42 9.77
N GLY A 484 1.98 6.55 10.48
CA GLY A 484 0.71 7.23 10.54
C GLY A 484 0.22 7.69 9.18
N ARG A 485 1.14 8.19 8.35
CA ARG A 485 0.79 8.59 6.98
C ARG A 485 0.31 7.39 6.17
N PHE A 486 1.00 6.25 6.32
CA PHE A 486 0.54 5.05 5.62
C PHE A 486 -0.87 4.66 6.06
N LEU A 487 -1.11 4.60 7.39
CA LEU A 487 -2.42 4.19 7.86
C LEU A 487 -3.49 5.18 7.43
N TRP A 488 -3.19 6.47 7.55
CA TRP A 488 -4.18 7.48 7.23
C TRP A 488 -4.53 7.44 5.73
N GLU A 489 -3.51 7.46 4.88
CA GLU A 489 -3.73 7.43 3.45
C GLU A 489 -4.49 6.19 3.03
N THR A 490 -4.12 5.03 3.58
CA THR A 490 -4.66 3.77 3.08
C THR A 490 -6.07 3.49 3.58
N TYR A 491 -6.37 3.84 4.84
CA TYR A 491 -7.59 3.40 5.48
C TYR A 491 -8.55 4.51 5.91
N PHE A 492 -8.10 5.76 5.96
CA PHE A 492 -8.91 6.88 6.45
C PHE A 492 -9.28 7.88 5.36
N SER A 493 -8.40 8.14 4.39
CA SER A 493 -8.35 9.47 3.77
C SER A 493 -9.55 9.77 2.88
N THR A 494 -10.12 8.78 2.21
CA THR A 494 -11.20 8.98 1.26
C THR A 494 -12.34 7.98 1.46
N ALA A 495 -13.46 8.24 0.79
CA ALA A 495 -14.56 7.27 0.82
C ALA A 495 -14.10 5.92 0.24
N ASP A 496 -13.28 5.95 -0.83
CA ASP A 496 -12.73 4.71 -1.35
C ASP A 496 -11.96 3.98 -0.26
N SER A 497 -11.09 4.70 0.46
CA SER A 497 -10.30 4.09 1.53
C SER A 497 -11.21 3.38 2.53
N ILE A 498 -12.22 4.10 3.02
CA ILE A 498 -13.05 3.57 4.08
C ILE A 498 -13.84 2.36 3.59
N PHE A 499 -14.44 2.46 2.40
CA PHE A 499 -15.24 1.33 1.87
C PHE A 499 -14.35 0.13 1.60
N ASN A 500 -13.19 0.37 0.98
CA ASN A 500 -12.24 -0.72 0.74
C ASN A 500 -11.87 -1.40 2.03
N THR A 501 -11.73 -0.62 3.11
CA THR A 501 -11.29 -1.18 4.40
C THR A 501 -12.39 -1.99 5.05
N VAL A 502 -13.64 -1.50 5.03
CA VAL A 502 -14.75 -2.27 5.55
C VAL A 502 -14.82 -3.62 4.84
N LEU A 503 -14.81 -3.60 3.52
CA LEU A 503 -14.94 -4.84 2.77
C LEU A 503 -13.74 -5.75 3.03
N ALA A 504 -12.53 -5.19 3.05
CA ALA A 504 -11.34 -6.03 3.25
C ALA A 504 -11.31 -6.61 4.66
N MET A 505 -11.78 -5.85 5.66
CA MET A 505 -11.80 -6.38 7.01
C MET A 505 -12.72 -7.59 7.09
N ILE A 506 -13.94 -7.47 6.56
CA ILE A 506 -14.87 -8.58 6.59
C ILE A 506 -14.33 -9.75 5.78
N ARG A 507 -13.84 -9.48 4.58
CA ARG A 507 -13.29 -10.53 3.70
C ARG A 507 -12.17 -11.28 4.40
N THR A 508 -11.23 -10.54 4.98
CA THR A 508 -10.09 -11.14 5.67
C THR A 508 -10.53 -11.95 6.88
N ARG A 509 -11.52 -11.44 7.63
CA ARG A 509 -12.06 -12.15 8.78
C ARG A 509 -12.65 -13.50 8.42
N ILE A 510 -13.12 -13.67 7.19
CA ILE A 510 -13.67 -14.93 6.72
C ILE A 510 -12.74 -15.64 5.73
N GLN A 511 -11.45 -15.27 5.74
CA GLN A 511 -10.36 -16.03 5.13
CA GLN A 511 -10.35 -16.01 5.12
C GLN A 511 -10.38 -16.02 3.60
N ILE A 512 -11.10 -15.08 2.98
CA ILE A 512 -11.15 -15.09 1.52
C ILE A 512 -10.08 -14.16 0.96
N PRO A 513 -9.34 -14.57 -0.08
CA PRO A 513 -8.29 -13.72 -0.64
C PRO A 513 -8.89 -12.52 -1.35
N ALA A 514 -8.09 -11.47 -1.43
CA ALA A 514 -8.45 -10.28 -2.17
C ALA A 514 -8.62 -10.61 -3.66
N ALA A 515 -9.38 -9.75 -4.33
CA ALA A 515 -9.48 -9.80 -5.77
C ALA A 515 -8.11 -9.62 -6.42
N PRO A 516 -7.83 -10.31 -7.52
CA PRO A 516 -6.52 -10.15 -8.16
C PRO A 516 -6.40 -8.77 -8.75
N ILE A 517 -5.23 -8.17 -8.55
CA ILE A 517 -4.97 -6.86 -9.13
C ILE A 517 -5.06 -6.98 -10.65
N ARG A 518 -5.48 -5.90 -11.29
CA ARG A 518 -5.70 -6.00 -12.72
C ARG A 518 -4.36 -5.97 -13.44
N GLU A 519 -4.41 -6.22 -14.73
CA GLU A 519 -3.21 -6.24 -15.54
C GLU A 519 -3.51 -5.54 -16.85
N GLU A 520 -2.44 -5.29 -17.60
CA GLU A 520 -2.54 -4.63 -18.90
C GLU A 520 -2.71 -5.73 -19.95
N ALA A 521 -3.97 -5.95 -20.36
CA ALA A 521 -4.25 -6.82 -21.49
C ALA A 521 -3.66 -6.21 -22.74
N ALA A 522 -2.69 -6.88 -23.34
CA ALA A 522 -1.98 -6.27 -24.46
C ALA A 522 -2.59 -6.67 -25.78
N ALA A 523 -2.63 -5.71 -26.70
CA ALA A 523 -2.89 -5.97 -28.11
C ALA A 523 -1.55 -6.31 -28.76
N GLU A 524 -1.37 -7.56 -29.15
CA GLU A 524 -0.17 -7.95 -29.86
C GLU A 524 -0.23 -7.45 -31.29
N ILE A 525 0.88 -6.91 -31.76
CA ILE A 525 1.04 -6.53 -33.15
C ILE A 525 1.75 -7.69 -33.84
N PRO A 526 1.02 -8.64 -34.45
CA PRO A 526 1.71 -9.77 -35.10
C PRO A 526 2.70 -9.25 -36.12
N HIS A 527 3.76 -10.03 -36.32
CA HIS A 527 4.84 -9.63 -37.20
C HIS A 527 5.48 -10.88 -37.76
N ARG A 528 6.32 -10.69 -38.77
CA ARG A 528 7.04 -11.78 -39.41
C ARG A 528 8.51 -11.69 -39.06
N SER A 529 9.15 -12.85 -38.87
CA SER A 529 10.53 -12.92 -38.44
C SER A 529 11.42 -13.36 -39.61
N GLY A 530 12.70 -13.01 -39.49
CA GLY A 530 13.69 -13.46 -40.45
C GLY A 530 14.23 -14.84 -40.09
N LYS A 531 15.28 -15.23 -40.80
CA LYS A 531 15.87 -16.55 -40.63
C LYS A 531 16.54 -16.69 -39.26
N GLU A 551 18.91 -25.23 -20.49
CA GLU A 551 19.20 -24.45 -21.70
C GLU A 551 18.49 -25.05 -22.92
N THR A 552 18.59 -26.38 -23.09
CA THR A 552 17.99 -27.08 -24.23
C THR A 552 16.46 -27.23 -24.12
N GLU A 553 15.80 -26.57 -23.16
CA GLU A 553 14.38 -26.69 -22.95
C GLU A 553 13.64 -25.44 -23.41
N PRO A 554 12.33 -25.51 -23.57
CA PRO A 554 11.58 -24.36 -24.08
C PRO A 554 11.20 -23.42 -22.96
N PRO A 555 10.84 -22.18 -23.28
CA PRO A 555 10.44 -21.23 -22.23
C PRO A 555 9.47 -21.84 -21.23
N TYR A 556 9.62 -21.44 -19.97
CA TYR A 556 8.65 -21.81 -18.94
C TYR A 556 8.28 -20.59 -18.11
N ALA A 557 6.98 -20.44 -17.88
CA ALA A 557 6.47 -19.32 -17.11
C ALA A 557 6.65 -19.57 -15.62
N SER A 558 6.76 -18.48 -14.88
CA SER A 558 6.75 -18.56 -13.43
C SER A 558 5.35 -18.93 -12.95
N PRO A 559 5.23 -19.75 -11.93
CA PRO A 559 3.90 -20.10 -11.42
C PRO A 559 3.30 -18.92 -10.69
N ARG A 560 1.96 -18.92 -10.67
CA ARG A 560 1.20 -17.77 -10.18
CA ARG A 560 1.20 -17.77 -10.18
C ARG A 560 0.24 -18.17 -9.09
N TYR A 561 -0.06 -17.22 -8.20
CA TYR A 561 -1.11 -17.35 -7.19
C TYR A 561 -0.96 -18.59 -6.35
N LEU A 562 0.23 -18.77 -5.77
CA LEU A 562 0.54 -19.92 -4.94
C LEU A 562 0.37 -19.66 -3.46
N ARG A 563 -0.03 -18.45 -3.07
CA ARG A 563 -0.04 -18.07 -1.65
C ARG A 563 -1.35 -17.34 -1.28
N ASN A 564 -2.47 -17.76 -1.85
CA ASN A 564 -3.70 -17.00 -1.60
C ASN A 564 -4.07 -16.95 -0.12
N PHE A 565 -4.11 -18.10 0.53
CA PHE A 565 -4.46 -18.13 1.94
C PHE A 565 -3.33 -17.56 2.81
N THR A 566 -2.09 -17.93 2.51
CA THR A 566 -0.98 -17.45 3.32
C THR A 566 -0.91 -15.94 3.36
N LEU A 567 -1.10 -15.29 2.21
CA LEU A 567 -0.92 -13.84 2.21
C LEU A 567 -2.13 -13.11 2.75
N THR A 568 -3.27 -13.78 2.85
CA THR A 568 -4.49 -13.18 3.43
C THR A 568 -4.53 -13.33 4.94
N VAL A 569 -4.23 -14.54 5.44
CA VAL A 569 -4.44 -14.92 6.82
C VAL A 569 -3.11 -15.08 7.57
N THR A 570 -2.23 -15.94 7.08
CA THR A 570 -0.99 -16.21 7.83
C THR A 570 -0.13 -14.95 7.98
N ASP A 571 -0.02 -14.17 6.91
CA ASP A 571 0.76 -12.94 6.84
C ASP A 571 -0.06 -11.73 7.24
N PHE A 572 -0.99 -11.92 8.19
CA PHE A 572 -1.97 -10.90 8.60
C PHE A 572 -1.29 -9.60 9.00
N TYR A 573 -0.24 -9.70 9.81
CA TYR A 573 0.44 -8.49 10.29
C TYR A 573 0.94 -7.64 9.11
N ARG A 574 1.75 -8.22 8.23
CA ARG A 574 2.34 -7.43 7.17
C ARG A 574 1.31 -6.98 6.14
N SER A 575 0.31 -7.82 5.90
CA SER A 575 -0.72 -7.49 4.93
C SER A 575 -1.35 -6.15 5.26
N TRP A 576 -1.60 -5.90 6.55
CA TRP A 576 -2.30 -4.69 6.99
C TRP A 576 -1.39 -3.58 7.49
N ASN A 577 -0.22 -3.89 7.99
CA ASN A 577 0.61 -2.87 8.64
C ASN A 577 1.82 -2.47 7.82
N ALA A 579 3.18 -1.28 3.82
CA ALA A 579 2.78 -0.92 2.46
C ALA A 579 3.01 -2.14 1.57
N PRO A 580 2.14 -2.38 0.58
CA PRO A 580 1.06 -1.51 0.12
C PRO A 580 -0.29 -1.71 0.74
N GLY A 581 -0.40 -2.60 1.74
CA GLY A 581 -1.68 -2.86 2.34
C GLY A 581 -2.33 -4.09 1.76
N PRO A 582 -3.58 -4.34 2.17
CA PRO A 582 -4.23 -5.65 1.98
C PRO A 582 -5.24 -5.74 0.84
N PHE A 583 -5.35 -4.73 -0.01
CA PHE A 583 -6.50 -4.68 -0.88
C PHE A 583 -6.37 -5.51 -2.16
N HIS A 584 -5.17 -5.86 -2.59
CA HIS A 584 -4.97 -6.57 -3.85
C HIS A 584 -4.29 -7.91 -3.63
N LEU A 585 -4.63 -8.87 -4.48
CA LEU A 585 -3.90 -10.15 -4.59
C LEU A 585 -2.99 -10.09 -5.82
N PHE A 586 -1.67 -10.28 -5.61
CA PHE A 586 -0.71 -10.26 -6.73
C PHE A 586 -0.40 -11.68 -7.20
N PRO A 587 -0.01 -11.85 -8.46
CA PRO A 587 0.34 -13.21 -8.91
C PRO A 587 1.54 -13.78 -8.19
N HIS A 588 2.45 -12.90 -7.76
CA HIS A 588 3.66 -13.30 -7.04
C HIS A 588 4.25 -12.02 -6.45
N THR A 589 5.16 -12.17 -5.50
CA THR A 589 5.77 -11.02 -4.85
C THR A 589 7.23 -11.35 -4.56
N PRO A 590 8.06 -10.35 -4.29
CA PRO A 590 9.47 -10.62 -3.98
C PRO A 590 9.72 -11.06 -2.54
N PHE A 591 8.70 -11.17 -1.72
CA PHE A 591 8.83 -11.46 -0.29
C PHE A 591 8.42 -12.89 0.10
N ASP A 592 8.30 -13.79 -0.85
CA ASP A 592 8.05 -15.20 -0.58
C ASP A 592 9.17 -15.78 0.28
N PRO A 593 8.86 -16.49 1.37
CA PRO A 593 9.94 -16.99 2.24
C PRO A 593 10.81 -18.01 1.51
N VAL A 594 12.07 -18.00 1.81
CA VAL A 594 12.96 -18.99 1.20
C VAL A 594 12.88 -20.30 1.97
N LEU A 595 13.08 -21.40 1.25
CA LEU A 595 13.24 -22.69 1.91
C LEU A 595 14.60 -22.78 2.57
N PRO A 596 14.69 -23.47 3.69
CA PRO A 596 16.01 -23.73 4.29
C PRO A 596 16.82 -24.58 3.33
N SER A 597 18.16 -24.45 3.39
CA SER A 597 18.98 -24.93 2.28
C SER A 597 19.03 -26.46 2.19
N GLU A 598 18.57 -27.20 3.19
CA GLU A 598 18.51 -28.66 2.99
C GLU A 598 17.24 -29.11 2.28
N ALA A 599 16.21 -28.25 2.20
CA ALA A 599 14.92 -28.76 1.71
C ALA A 599 15.00 -29.21 0.26
N LYS A 600 15.81 -28.57 -0.56
CA LYS A 600 15.91 -28.95 -1.96
C LYS A 600 16.45 -30.37 -2.11
N PHE A 601 17.16 -30.87 -1.11
CA PHE A 601 17.70 -32.24 -1.18
C PHE A 601 16.81 -33.26 -0.54
N LEU A 602 15.82 -32.84 0.24
CA LEU A 602 15.00 -33.69 1.06
C LEU A 602 13.51 -33.42 0.82
N GLY A 603 13.12 -33.38 -0.43
CA GLY A 603 11.74 -33.53 -0.80
C GLY A 603 11.14 -32.30 -1.44
N SER A 604 11.81 -31.15 -1.38
CA SER A 604 11.28 -29.92 -1.97
C SER A 604 12.11 -29.41 -3.13
N GLY A 605 12.76 -30.31 -3.86
CA GLY A 605 13.73 -29.93 -4.84
C GLY A 605 13.24 -29.52 -6.21
N THR A 606 11.92 -29.51 -6.45
CA THR A 606 11.45 -29.24 -7.79
C THR A 606 11.95 -27.89 -8.29
N GLY A 607 12.59 -27.90 -9.46
CA GLY A 607 13.11 -26.70 -10.06
C GLY A 607 14.44 -26.25 -9.53
N PHE A 608 14.93 -26.80 -8.43
CA PHE A 608 16.23 -26.37 -7.94
C PHE A 608 17.33 -26.94 -8.81
N ARG A 609 18.38 -26.13 -9.01
CA ARG A 609 19.57 -26.51 -9.78
C ARG A 609 20.82 -26.16 -8.99
N PRO A 610 21.15 -26.96 -7.96
CA PRO A 610 22.30 -26.62 -7.11
C PRO A 610 23.58 -26.86 -7.86
N ILE A 611 24.56 -26.01 -7.56
CA ILE A 611 25.86 -26.06 -8.23
C ILE A 611 26.58 -27.33 -7.78
N GLY A 612 27.09 -28.08 -8.76
CA GLY A 612 27.73 -29.34 -8.42
C GLY A 612 26.83 -30.33 -7.72
N GLY A 613 25.51 -30.26 -7.98
CA GLY A 613 24.59 -31.14 -7.29
C GLY A 613 24.55 -30.95 -5.79
N GLY A 614 25.04 -29.81 -5.30
CA GLY A 614 25.12 -29.53 -3.89
C GLY A 614 26.54 -29.53 -3.35
N ALA A 615 27.48 -30.09 -4.08
CA ALA A 615 28.87 -30.11 -3.64
C ALA A 615 29.57 -28.79 -3.89
N GLY A 616 28.97 -27.92 -4.70
CA GLY A 616 29.56 -26.67 -5.04
C GLY A 616 30.67 -26.88 -6.04
N GLY A 617 31.48 -25.83 -6.20
CA GLY A 617 32.60 -25.89 -7.10
C GLY A 617 33.09 -24.49 -7.44
N SER A 618 33.73 -24.42 -8.59
CA SER A 618 34.36 -23.21 -9.10
C SER A 618 33.62 -22.84 -10.38
N GLY A 619 34.28 -22.15 -11.31
CA GLY A 619 33.55 -21.55 -12.43
C GLY A 619 32.86 -22.54 -13.35
N LYS A 620 33.48 -23.71 -13.57
CA LYS A 620 32.85 -24.73 -14.41
C LYS A 620 31.49 -25.15 -13.87
N GLU A 621 31.46 -25.54 -12.60
CA GLU A 621 30.23 -25.97 -11.95
C GLU A 621 29.26 -24.81 -11.86
N PHE A 622 29.77 -23.61 -11.61
CA PHE A 622 28.92 -22.43 -11.45
C PHE A 622 28.18 -22.07 -12.73
N GLN A 623 28.88 -22.11 -13.88
CA GLN A 623 28.21 -21.77 -15.12
C GLN A 623 27.16 -22.80 -15.51
N ALA A 624 27.27 -24.02 -15.01
CA ALA A 624 26.37 -25.10 -15.38
C ALA A 624 25.05 -25.07 -14.62
N ALA A 625 24.89 -24.25 -13.59
CA ALA A 625 23.71 -24.34 -12.74
C ALA A 625 23.42 -22.97 -12.11
N LEU A 626 22.15 -22.58 -12.06
CA LEU A 626 21.84 -21.29 -11.42
C LEU A 626 22.17 -21.29 -9.92
N GLY A 627 22.04 -22.43 -9.26
CA GLY A 627 22.27 -22.50 -7.82
C GLY A 627 21.33 -21.56 -7.08
N GLY A 628 21.83 -20.98 -5.99
CA GLY A 628 21.05 -20.02 -5.24
C GLY A 628 20.15 -20.68 -4.22
N ASN A 629 19.19 -19.88 -3.74
CA ASN A 629 18.31 -20.36 -2.69
C ASN A 629 16.88 -20.57 -3.15
N VAL A 630 16.60 -20.39 -4.44
CA VAL A 630 15.26 -20.54 -4.99
C VAL A 630 15.35 -21.43 -6.22
N PRO A 631 14.24 -22.03 -6.62
CA PRO A 631 14.21 -22.79 -7.87
C PRO A 631 14.55 -21.96 -9.09
N ARG A 632 14.90 -22.66 -10.18
CA ARG A 632 15.20 -21.96 -11.41
C ARG A 632 13.99 -21.18 -11.93
N GLU A 633 14.29 -20.18 -12.73
CA GLU A 633 13.26 -19.36 -13.37
C GLU A 633 13.92 -18.67 -14.55
N GLN A 634 13.11 -18.01 -15.33
CA GLN A 634 13.58 -17.23 -16.47
C GLN A 634 13.30 -15.75 -16.22
N PHE A 635 13.74 -14.91 -17.13
CA PHE A 635 13.38 -13.51 -17.07
C PHE A 635 12.85 -13.05 -18.42
N THR A 636 12.21 -11.88 -18.41
CA THR A 636 11.58 -11.28 -19.58
C THR A 636 12.27 -9.94 -19.81
N VAL A 637 12.70 -9.70 -21.04
CA VAL A 637 13.18 -8.37 -21.39
C VAL A 637 12.00 -7.50 -21.75
N VAL A 638 11.95 -6.30 -21.20
CA VAL A 638 10.95 -5.30 -21.58
C VAL A 638 11.73 -4.14 -22.18
N MET A 639 11.43 -3.80 -23.44
CA MET A 639 12.16 -2.80 -24.20
C MET A 639 11.17 -1.80 -24.80
N LEU A 640 11.30 -0.54 -24.43
CA LEU A 640 10.45 0.53 -24.94
C LEU A 640 11.09 1.10 -26.20
N THR A 641 10.27 1.37 -27.22
CA THR A 641 10.79 1.87 -28.49
C THR A 641 9.84 2.90 -29.10
N TYR A 642 10.43 3.85 -29.83
CA TYR A 642 9.67 4.94 -30.44
C TYR A 642 10.55 5.58 -31.53
N GLU A 643 10.16 5.41 -32.79
CA GLU A 643 10.82 6.06 -33.92
C GLU A 643 12.29 5.64 -34.09
N ARG A 644 12.66 4.46 -33.60
CA ARG A 644 14.06 4.01 -33.62
C ARG A 644 14.15 2.60 -34.18
N GLU A 645 13.53 2.41 -35.34
CA GLU A 645 13.29 1.06 -35.85
C GLU A 645 14.60 0.33 -36.16
N GLU A 646 15.57 1.02 -36.72
CA GLU A 646 16.81 0.35 -37.10
C GLU A 646 17.59 -0.09 -35.87
N VAL A 647 17.69 0.77 -34.86
CA VAL A 647 18.47 0.41 -33.69
C VAL A 647 17.74 -0.67 -32.89
N LEU A 648 16.42 -0.71 -32.99
CA LEU A 648 15.64 -1.73 -32.30
C LEU A 648 15.96 -3.12 -32.82
N MET A 649 15.97 -3.29 -34.15
CA MET A 649 16.26 -4.61 -34.72
C MET A 649 17.63 -5.10 -34.28
N ASN A 650 18.58 -4.17 -34.20
CA ASN A 650 19.95 -4.53 -33.86
C ASN A 650 20.09 -4.92 -32.39
N SER A 651 19.52 -4.12 -31.49
CA SER A 651 19.62 -4.49 -30.08
C SER A 651 18.81 -5.75 -29.79
N LEU A 652 17.72 -6.00 -30.51
CA LEU A 652 17.03 -7.29 -30.37
C LEU A 652 17.95 -8.43 -30.78
N GLU A 653 18.69 -8.26 -31.89
CA GLU A 653 19.60 -9.30 -32.33
C GLU A 653 20.67 -9.59 -31.29
N ARG A 654 21.06 -8.59 -30.48
CA ARG A 654 22.04 -8.84 -29.42
C ARG A 654 21.52 -9.79 -28.34
N LEU A 655 20.21 -10.07 -28.29
CA LEU A 655 19.68 -10.98 -27.28
C LEU A 655 19.67 -12.44 -27.74
N ASN A 656 19.95 -12.69 -29.02
CA ASN A 656 20.01 -14.06 -29.51
C ASN A 656 21.02 -14.86 -28.73
N GLY A 657 20.59 -15.99 -28.17
CA GLY A 657 21.45 -16.87 -27.42
C GLY A 657 21.56 -16.60 -25.93
N LEU A 658 20.88 -15.56 -25.44
CA LEU A 658 20.93 -15.18 -24.03
C LEU A 658 20.33 -16.28 -23.16
N PRO A 659 21.07 -16.84 -22.20
CA PRO A 659 20.50 -17.88 -21.36
C PRO A 659 19.40 -17.33 -20.47
N TYR A 660 18.40 -18.17 -20.20
CA TYR A 660 17.29 -17.96 -19.28
C TYR A 660 16.33 -16.87 -19.72
N LEU A 661 16.39 -16.44 -20.95
CA LEU A 661 15.46 -15.47 -21.49
C LEU A 661 14.15 -16.16 -21.88
N ASN A 662 13.05 -15.70 -21.30
CA ASN A 662 11.74 -16.25 -21.61
C ASN A 662 11.17 -15.70 -22.89
N LYS A 663 11.27 -14.39 -23.10
CA LYS A 663 10.68 -13.71 -24.23
C LYS A 663 11.14 -12.25 -24.11
N VAL A 664 10.90 -11.51 -25.18
CA VAL A 664 11.16 -10.08 -25.25
C VAL A 664 9.84 -9.39 -25.52
N VAL A 665 9.44 -8.47 -24.64
CA VAL A 665 8.26 -7.65 -24.84
C VAL A 665 8.73 -6.30 -25.34
N VAL A 666 8.33 -5.94 -26.55
CA VAL A 666 8.65 -4.64 -27.15
C VAL A 666 7.42 -3.76 -27.01
N VAL A 667 7.53 -2.70 -26.22
CA VAL A 667 6.43 -1.79 -25.99
C VAL A 667 6.47 -0.74 -27.09
N TRP A 668 5.49 -0.77 -28.00
CA TRP A 668 5.50 0.05 -29.21
C TRP A 668 4.76 1.35 -28.90
N ASN A 669 5.51 2.40 -28.60
CA ASN A 669 4.91 3.66 -28.18
C ASN A 669 4.58 4.60 -29.34
N SER A 670 5.22 4.43 -30.49
CA SER A 670 5.04 5.41 -31.56
C SER A 670 3.59 5.41 -32.02
N PRO A 671 3.02 6.58 -32.32
CA PRO A 671 1.65 6.59 -32.86
C PRO A 671 1.51 5.74 -34.11
N LYS A 672 2.52 5.77 -34.98
CA LYS A 672 2.49 5.02 -36.24
C LYS A 672 2.92 3.58 -36.01
N LEU A 673 2.16 2.65 -36.58
CA LEU A 673 2.42 1.23 -36.40
C LEU A 673 3.67 0.77 -37.14
N PRO A 674 4.09 -0.48 -36.93
CA PRO A 674 5.29 -0.98 -37.61
C PRO A 674 5.00 -1.26 -39.07
N SER A 675 5.86 -0.73 -39.94
CA SER A 675 5.71 -0.94 -41.38
C SER A 675 5.46 -2.42 -41.67
N GLU A 676 4.51 -2.68 -42.58
CA GLU A 676 4.08 -4.04 -42.86
C GLU A 676 5.25 -4.90 -43.34
N ASP A 677 6.16 -4.31 -44.09
CA ASP A 677 7.26 -5.01 -44.76
C ASP A 677 8.47 -5.14 -43.84
N LEU A 678 8.25 -5.62 -42.62
CA LEU A 678 9.30 -5.58 -41.61
C LEU A 678 9.66 -7.00 -41.20
N LEU A 679 10.95 -7.31 -41.27
CA LEU A 679 11.49 -8.60 -40.89
C LEU A 679 12.11 -8.45 -39.51
N TRP A 680 11.44 -8.97 -38.51
CA TRP A 680 11.98 -8.95 -37.17
C TRP A 680 12.96 -10.10 -37.00
N PRO A 681 14.08 -9.88 -36.32
CA PRO A 681 15.05 -10.97 -36.17
C PRO A 681 14.43 -12.16 -35.45
N ASP A 682 14.93 -13.34 -35.81
CA ASP A 682 14.63 -14.57 -35.10
C ASP A 682 15.72 -14.76 -34.04
N ILE A 683 15.35 -14.60 -32.78
CA ILE A 683 16.31 -14.68 -31.70
C ILE A 683 16.09 -15.92 -30.84
N GLY A 684 15.22 -16.81 -31.27
CA GLY A 684 15.03 -18.08 -30.60
C GLY A 684 14.02 -18.08 -29.48
N VAL A 685 13.54 -16.91 -29.06
CA VAL A 685 12.42 -16.79 -28.12
C VAL A 685 11.40 -15.85 -28.75
N PRO A 686 10.16 -15.88 -28.27
CA PRO A 686 9.16 -14.98 -28.83
C PRO A 686 9.53 -13.53 -28.60
N ILE A 687 9.30 -12.71 -29.63
CA ILE A 687 9.26 -11.26 -29.52
C ILE A 687 7.81 -10.83 -29.63
N MET A 688 7.24 -10.35 -28.53
CA MET A 688 5.87 -9.84 -28.51
C MET A 688 5.91 -8.32 -28.55
N VAL A 689 5.37 -7.75 -29.62
CA VAL A 689 5.25 -6.31 -29.77
C VAL A 689 3.86 -5.91 -29.31
N VAL A 690 3.80 -5.02 -28.33
CA VAL A 690 2.52 -4.65 -27.72
C VAL A 690 2.22 -3.21 -28.08
N ARG A 691 0.97 -2.95 -28.45
CA ARG A 691 0.51 -1.61 -28.77
C ARG A 691 0.12 -0.88 -27.50
N THR A 692 0.36 0.42 -27.50
CA THR A 692 0.13 1.30 -26.37
C THR A 692 -1.00 2.27 -26.71
N GLU A 693 -1.95 2.43 -25.78
CA GLU A 693 -3.03 3.37 -26.02
C GLU A 693 -2.52 4.81 -26.08
N LYS A 694 -1.41 5.10 -25.41
CA LYS A 694 -0.79 6.41 -25.56
C LYS A 694 0.71 6.28 -25.36
N ASN A 695 1.40 7.34 -25.72
CA ASN A 695 2.85 7.39 -25.77
C ASN A 695 3.37 7.92 -24.43
N SER A 696 3.73 7.01 -23.53
CA SER A 696 4.19 7.36 -22.19
C SER A 696 5.41 6.51 -21.79
N LEU A 697 6.36 7.15 -21.12
CA LEU A 697 7.46 6.42 -20.51
C LEU A 697 6.95 5.46 -19.44
N ASN A 698 5.80 5.78 -18.84
CA ASN A 698 5.22 4.94 -17.81
C ASN A 698 4.86 3.57 -18.37
N ASN A 699 4.70 3.44 -19.69
CA ASN A 699 4.31 2.16 -20.27
C ASN A 699 5.37 1.09 -20.09
N ARG A 700 6.63 1.47 -19.85
CA ARG A 700 7.65 0.46 -19.63
C ARG A 700 7.42 -0.32 -18.34
N PHE A 701 6.62 0.23 -17.43
CA PHE A 701 6.32 -0.40 -16.15
C PHE A 701 4.88 -0.88 -16.04
N LEU A 702 4.13 -0.92 -17.13
CA LEU A 702 2.84 -1.57 -17.09
C LEU A 702 3.01 -3.07 -16.91
N PRO A 703 2.17 -3.71 -16.12
CA PRO A 703 2.26 -5.16 -15.91
C PRO A 703 1.58 -5.89 -17.07
N TRP A 704 2.28 -5.89 -18.20
CA TRP A 704 1.75 -6.52 -19.39
C TRP A 704 1.45 -7.99 -19.11
N ASN A 705 0.28 -8.40 -19.55
CA ASN A 705 -0.16 -9.79 -19.62
C ASN A 705 0.91 -10.71 -20.19
N GLU A 706 1.65 -10.20 -21.17
CA GLU A 706 2.64 -11.00 -21.90
C GLU A 706 3.89 -11.31 -21.07
N ILE A 707 4.10 -10.63 -19.94
CA ILE A 707 5.22 -10.91 -19.06
C ILE A 707 4.84 -12.10 -18.19
N GLU A 708 5.48 -13.24 -18.43
CA GLU A 708 5.13 -14.50 -17.76
C GLU A 708 6.14 -14.93 -16.71
N THR A 709 7.08 -14.08 -16.36
CA THR A 709 8.08 -14.33 -15.34
C THR A 709 7.88 -13.35 -14.19
N GLU A 710 8.58 -13.61 -13.10
CA GLU A 710 8.70 -12.62 -12.03
C GLU A 710 9.76 -11.57 -12.36
N ALA A 711 10.90 -12.03 -12.89
CA ALA A 711 12.01 -11.14 -13.18
C ALA A 711 11.79 -10.43 -14.50
N ILE A 712 11.96 -9.11 -14.48
CA ILE A 712 11.97 -8.26 -15.66
C ILE A 712 13.37 -7.67 -15.80
N LEU A 713 13.97 -7.81 -16.99
CA LEU A 713 15.16 -7.05 -17.35
C LEU A 713 14.66 -5.87 -18.19
N SER A 714 14.68 -4.68 -17.59
CA SER A 714 14.24 -3.45 -18.22
C SER A 714 15.45 -2.83 -18.91
N ILE A 715 15.37 -2.62 -20.22
CA ILE A 715 16.53 -2.13 -20.95
C ILE A 715 16.07 -1.14 -21.99
N ASP A 716 16.85 -0.07 -22.17
CA ASP A 716 16.57 0.86 -23.25
C ASP A 716 16.87 0.19 -24.59
N ASP A 717 16.26 0.74 -25.65
CA ASP A 717 16.50 0.18 -26.98
C ASP A 717 17.93 0.40 -27.47
N ASP A 718 18.72 1.24 -26.79
CA ASP A 718 20.11 1.49 -27.17
C ASP A 718 21.11 1.10 -26.09
N ALA A 719 20.74 0.26 -25.13
CA ALA A 719 21.70 -0.22 -24.14
C ALA A 719 22.45 -1.45 -24.66
N HIS A 720 23.78 -1.47 -24.46
CA HIS A 720 24.65 -2.57 -24.84
C HIS A 720 25.10 -3.25 -23.56
N LEU A 721 24.46 -4.37 -23.24
CA LEU A 721 24.91 -5.25 -22.17
C LEU A 721 25.44 -6.52 -22.82
N ARG A 722 26.51 -7.06 -22.27
CA ARG A 722 26.96 -8.36 -22.68
C ARG A 722 26.15 -9.43 -21.97
N HIS A 723 26.19 -10.64 -22.52
CA HIS A 723 25.46 -11.75 -21.91
C HIS A 723 26.00 -12.08 -20.53
N ASP A 724 27.31 -11.97 -20.33
CA ASP A 724 27.85 -12.31 -19.01
C ASP A 724 27.35 -11.34 -17.96
N GLU A 725 27.30 -10.05 -18.30
CA GLU A 725 26.78 -9.05 -17.38
C GLU A 725 25.33 -9.35 -17.01
N ILE A 726 24.49 -9.62 -18.01
CA ILE A 726 23.09 -9.91 -17.76
C ILE A 726 22.96 -11.14 -16.86
N MET A 727 23.73 -12.19 -17.15
CA MET A 727 23.61 -13.41 -16.36
C MET A 727 23.99 -13.17 -14.90
N PHE A 728 25.05 -12.38 -14.67
CA PHE A 728 25.45 -12.12 -13.30
C PHE A 728 24.39 -11.28 -12.59
N GLY A 729 23.87 -10.26 -13.27
CA GLY A 729 22.80 -9.45 -12.71
C GLY A 729 21.59 -10.26 -12.35
N PHE A 730 21.20 -11.22 -13.20
CA PHE A 730 20.10 -12.12 -12.91
C PHE A 730 20.34 -12.95 -11.65
N ARG A 731 21.55 -13.49 -11.51
CA ARG A 731 21.87 -14.30 -10.34
C ARG A 731 21.85 -13.45 -9.07
N VAL A 732 22.33 -12.20 -9.17
CA VAL A 732 22.23 -11.30 -8.01
C VAL A 732 20.77 -11.02 -7.69
N TRP A 733 19.96 -10.70 -8.70
CA TRP A 733 18.55 -10.40 -8.47
C TRP A 733 17.83 -11.59 -7.83
N ARG A 734 18.22 -12.83 -8.21
CA ARG A 734 17.54 -14.00 -7.66
C ARG A 734 17.72 -14.12 -6.16
N GLU A 735 18.73 -13.47 -5.62
CA GLU A 735 19.08 -13.39 -4.20
C GLU A 735 18.80 -12.01 -3.59
N ALA A 736 18.14 -11.14 -4.32
CA ALA A 736 17.82 -9.77 -3.88
C ALA A 736 16.55 -9.36 -4.62
N ARG A 737 15.51 -10.18 -4.48
CA ARG A 737 14.38 -10.14 -5.39
C ARG A 737 13.50 -8.92 -5.18
N ASP A 738 13.70 -8.21 -4.07
CA ASP A 738 12.91 -7.04 -3.75
C ASP A 738 13.60 -5.75 -4.18
N ARG A 739 14.74 -5.85 -4.82
CA ARG A 739 15.58 -4.69 -5.10
C ARG A 739 15.60 -4.41 -6.60
N ILE A 740 15.94 -3.18 -6.96
CA ILE A 740 16.41 -2.90 -8.31
C ILE A 740 17.87 -3.30 -8.35
N VAL A 741 18.21 -4.22 -9.26
CA VAL A 741 19.57 -4.78 -9.36
C VAL A 741 20.04 -4.47 -10.77
N GLY A 742 21.04 -3.64 -10.91
CA GLY A 742 21.32 -3.16 -12.25
C GLY A 742 22.63 -2.42 -12.38
N PHE A 743 22.79 -1.80 -13.54
CA PHE A 743 24.11 -1.37 -13.97
C PHE A 743 24.37 0.13 -13.82
N PRO A 744 23.47 1.03 -14.22
CA PRO A 744 23.82 2.46 -14.14
C PRO A 744 23.53 3.05 -12.77
N GLY A 745 24.55 3.21 -11.94
CA GLY A 745 24.38 3.78 -10.61
C GLY A 745 24.48 5.30 -10.62
N ARG A 746 23.60 5.93 -9.87
CA ARG A 746 23.49 7.39 -9.80
C ARG A 746 23.18 7.75 -8.34
N TYR A 747 23.16 9.04 -8.02
CA TYR A 747 22.80 9.41 -6.65
C TYR A 747 22.12 10.76 -6.59
N HIS A 748 21.47 11.02 -5.46
CA HIS A 748 20.84 12.30 -5.14
C HIS A 748 21.79 13.08 -4.26
N ALA A 749 22.08 14.33 -4.64
CA ALA A 749 23.05 15.14 -3.94
C ALA A 749 22.31 16.29 -3.25
N TRP A 750 22.76 16.63 -2.05
CA TRP A 750 22.15 17.72 -1.32
C TRP A 750 22.74 19.03 -1.82
N ASP A 751 21.87 19.94 -2.20
CA ASP A 751 22.19 21.33 -2.59
C ASP A 751 22.23 22.12 -1.28
N ILE A 752 23.44 22.34 -0.77
CA ILE A 752 23.60 22.92 0.57
C ILE A 752 22.93 24.28 0.69
N PRO A 753 23.15 25.23 -0.21
CA PRO A 753 22.52 26.55 -0.01
C PRO A 753 21.03 26.55 -0.22
N HIS A 754 20.52 25.70 -1.13
CA HIS A 754 19.10 25.72 -1.42
C HIS A 754 18.31 24.71 -0.62
N GLN A 755 18.99 23.86 0.16
CA GLN A 755 18.32 22.93 1.08
C GLN A 755 17.32 22.07 0.32
N SER A 756 17.81 21.43 -0.72
CA SER A 756 16.96 20.62 -1.61
C SER A 756 17.88 19.66 -2.35
N TRP A 757 17.29 18.82 -3.19
CA TRP A 757 18.04 17.78 -3.84
C TRP A 757 18.42 18.10 -5.28
N LEU A 758 19.47 17.44 -5.73
CA LEU A 758 19.91 17.48 -7.11
C LEU A 758 20.12 16.04 -7.60
N TYR A 759 19.86 15.83 -8.88
CA TYR A 759 20.29 14.62 -9.56
C TYR A 759 21.77 14.73 -9.90
N ASN A 760 22.55 13.68 -9.63
CA ASN A 760 23.98 13.68 -9.87
C ASN A 760 24.40 12.37 -10.55
N SER A 761 25.01 12.48 -11.74
CA SER A 761 25.48 11.30 -12.47
C SER A 761 27.00 11.25 -12.61
N ASN A 762 27.74 12.05 -11.83
CA ASN A 762 29.19 11.90 -11.79
C ASN A 762 29.61 10.52 -11.29
N TYR A 763 30.81 10.11 -11.69
CA TYR A 763 31.50 9.02 -11.00
C TYR A 763 31.50 9.29 -9.50
N SER A 764 31.18 8.27 -8.72
CA SER A 764 30.89 8.48 -7.32
C SER A 764 31.21 7.20 -6.56
N CYS A 765 31.62 7.36 -5.29
CA CYS A 765 31.87 6.23 -4.43
C CYS A 765 30.64 5.82 -3.65
N GLU A 766 29.53 6.51 -3.83
CA GLU A 766 28.31 6.29 -3.07
C GLU A 766 27.13 6.48 -4.00
N LEU A 767 26.20 5.51 -3.97
CA LEU A 767 25.10 5.49 -4.92
C LEU A 767 23.78 5.41 -4.19
N SER A 768 22.71 5.86 -4.83
CA SER A 768 21.38 5.68 -4.26
C SER A 768 20.31 5.32 -5.28
N MET A 769 20.65 5.25 -6.57
CA MET A 769 19.69 4.89 -7.60
C MET A 769 20.37 3.99 -8.60
N VAL A 770 19.62 3.04 -9.15
CA VAL A 770 20.07 2.28 -10.32
C VAL A 770 19.05 2.49 -11.43
N LEU A 771 19.49 3.01 -12.57
CA LEU A 771 18.52 3.42 -13.58
C LEU A 771 17.96 2.20 -14.30
N THR A 772 16.66 2.26 -14.59
CA THR A 772 15.92 1.16 -15.19
C THR A 772 16.10 1.10 -16.70
N GLY A 773 16.95 1.95 -17.27
CA GLY A 773 17.40 1.71 -18.62
C GLY A 773 18.29 0.51 -18.76
N ALA A 774 18.70 -0.10 -17.65
CA ALA A 774 19.46 -1.36 -17.66
C ALA A 774 19.44 -1.96 -16.26
N ALA A 775 18.34 -2.64 -15.91
CA ALA A 775 18.20 -3.16 -14.56
C ALA A 775 17.14 -4.24 -14.49
N PHE A 776 17.33 -5.14 -13.51
CA PHE A 776 16.34 -6.15 -13.15
C PHE A 776 15.43 -5.65 -12.02
N PHE A 777 14.15 -6.00 -12.11
CA PHE A 777 13.26 -5.82 -10.97
C PHE A 777 12.08 -6.77 -11.08
N HIS A 778 11.39 -6.96 -9.97
CA HIS A 778 10.25 -7.85 -9.93
C HIS A 778 8.99 -7.25 -10.54
N LYS A 779 8.23 -8.08 -11.29
CA LYS A 779 6.97 -7.64 -11.87
C LYS A 779 6.00 -7.03 -10.85
N TYR A 780 6.06 -7.47 -9.61
CA TYR A 780 5.29 -6.84 -8.53
C TYR A 780 5.36 -5.32 -8.58
N TYR A 781 6.53 -4.77 -8.85
CA TYR A 781 6.67 -3.30 -8.82
C TYR A 781 6.05 -2.66 -10.05
N ALA A 782 5.91 -3.40 -11.16
CA ALA A 782 5.12 -2.88 -12.28
C ALA A 782 3.67 -2.68 -11.88
N TYR A 783 3.10 -3.62 -11.13
CA TYR A 783 1.73 -3.43 -10.65
C TYR A 783 1.64 -2.23 -9.73
N LEU A 784 2.56 -2.14 -8.78
CA LEU A 784 2.52 -1.02 -7.83
C LEU A 784 2.70 0.32 -8.55
N TYR A 785 3.74 0.41 -9.38
CA TYR A 785 4.03 1.65 -10.10
C TYR A 785 2.80 2.08 -10.90
N SER A 786 2.16 1.12 -11.55
CA SER A 786 1.11 1.46 -12.51
C SER A 786 -0.22 1.75 -11.85
N TYR A 787 -0.54 1.10 -10.73
CA TYR A 787 -1.90 1.07 -10.25
C TYR A 787 -2.05 1.47 -8.80
N VAL A 788 -0.97 1.60 -8.04
CA VAL A 788 -1.07 1.89 -6.61
C VAL A 788 -0.34 3.18 -6.24
N MET A 789 0.82 3.41 -6.82
CA MET A 789 1.59 4.64 -6.62
C MET A 789 0.74 5.85 -7.01
N PRO A 790 0.98 6.99 -6.37
CA PRO A 790 0.18 8.20 -6.67
C PRO A 790 0.21 8.62 -8.14
N GLN A 791 -0.96 9.00 -8.62
CA GLN A 791 -1.09 9.45 -10.00
C GLN A 791 -0.23 10.67 -10.30
N ALA A 792 -0.01 11.55 -9.33
CA ALA A 792 0.77 12.76 -9.58
C ALA A 792 2.17 12.46 -10.08
N ILE A 793 2.74 11.32 -9.65
CA ILE A 793 4.08 10.95 -10.10
C ILE A 793 4.05 10.54 -11.57
N ARG A 794 3.09 9.72 -11.96
CA ARG A 794 2.98 9.33 -13.36
C ARG A 794 2.69 10.54 -14.24
N ASP A 795 1.90 11.49 -13.72
CA ASP A 795 1.60 12.73 -14.43
C ASP A 795 2.86 13.57 -14.66
N MET A 796 3.72 13.67 -13.66
CA MET A 796 4.94 14.43 -13.88
C MET A 796 5.83 13.75 -14.91
N VAL A 797 5.90 12.42 -14.89
CA VAL A 797 6.67 11.70 -15.89
C VAL A 797 6.18 12.06 -17.29
N ASP A 798 4.87 12.12 -17.47
CA ASP A 798 4.34 12.46 -18.79
C ASP A 798 4.49 13.95 -19.11
N GLU A 799 4.42 14.82 -18.10
CA GLU A 799 4.62 16.25 -18.36
C GLU A 799 6.01 16.52 -18.93
N TYR A 800 7.05 15.98 -18.30
CA TYR A 800 8.41 16.22 -18.71
C TYR A 800 8.96 15.18 -19.68
N ILE A 801 8.24 14.06 -19.89
CA ILE A 801 8.77 12.93 -20.65
C ILE A 801 10.15 12.59 -20.08
N ASN A 802 10.18 12.27 -18.80
CA ASN A 802 11.43 12.14 -18.06
C ASN A 802 11.09 11.49 -16.73
N CYS A 803 12.11 10.94 -16.09
CA CYS A 803 12.12 10.63 -14.67
C CYS A 803 11.39 9.37 -14.24
N GLU A 804 11.01 8.48 -15.16
CA GLU A 804 10.33 7.26 -14.72
C GLU A 804 11.30 6.34 -13.99
N ASP A 805 12.59 6.40 -14.34
CA ASP A 805 13.62 5.66 -13.62
C ASP A 805 13.76 6.18 -12.19
N ILE A 806 13.80 7.49 -12.01
CA ILE A 806 13.83 8.07 -10.66
C ILE A 806 12.59 7.63 -9.88
N ALA A 807 11.42 7.71 -10.51
CA ALA A 807 10.18 7.34 -9.85
C ALA A 807 10.21 5.87 -9.38
N MET A 808 10.72 4.96 -10.21
CA MET A 808 10.74 3.56 -9.79
C MET A 808 11.70 3.34 -8.62
N ASN A 809 12.82 4.07 -8.60
CA ASN A 809 13.75 3.96 -7.47
C ASN A 809 13.12 4.50 -6.20
N PHE A 810 12.40 5.62 -6.29
CA PHE A 810 11.63 6.11 -5.14
C PHE A 810 10.67 5.04 -4.61
N LEU A 811 9.92 4.41 -5.52
CA LEU A 811 8.94 3.41 -5.14
C LEU A 811 9.59 2.22 -4.42
N VAL A 812 10.61 1.63 -5.04
CA VAL A 812 11.21 0.41 -4.47
C VAL A 812 11.89 0.73 -3.15
N SER A 813 12.57 1.89 -3.06
CA SER A 813 13.24 2.23 -1.79
C SER A 813 12.23 2.62 -0.71
N HIS A 814 11.08 3.16 -1.09
CA HIS A 814 9.99 3.40 -0.13
C HIS A 814 9.48 2.08 0.46
N ILE A 815 9.24 1.09 -0.40
CA ILE A 815 8.69 -0.19 0.05
C ILE A 815 9.70 -0.94 0.90
N THR A 816 10.97 -0.97 0.49
CA THR A 816 11.96 -1.82 1.10
C THR A 816 12.79 -1.13 2.16
N ARG A 817 12.89 0.20 2.13
CA ARG A 817 13.81 0.94 2.97
C ARG A 817 15.25 0.44 2.80
N LYS A 818 15.61 0.13 1.57
CA LYS A 818 16.96 -0.25 1.20
C LYS A 818 17.40 0.46 -0.07
N PRO A 819 18.70 0.68 -0.23
CA PRO A 819 19.24 1.16 -1.53
C PRO A 819 19.14 0.09 -2.59
N PRO A 820 19.34 0.46 -3.86
CA PRO A 820 19.46 -0.55 -4.92
C PRO A 820 20.79 -1.28 -4.84
N ILE A 821 21.00 -2.22 -5.75
CA ILE A 821 22.27 -2.93 -5.86
C ILE A 821 22.85 -2.67 -7.24
N LYS A 822 24.09 -2.19 -7.27
CA LYS A 822 24.79 -1.91 -8.52
C LYS A 822 25.76 -3.04 -8.83
N VAL A 823 25.73 -3.48 -10.08
CA VAL A 823 26.48 -4.63 -10.56
C VAL A 823 27.52 -4.17 -11.58
N THR A 824 28.74 -4.70 -11.43
CA THR A 824 29.90 -4.45 -12.30
C THR A 824 30.42 -3.02 -12.28
N SER A 825 31.59 -2.80 -12.90
CA SER A 825 32.24 -1.51 -12.88
C SER A 825 31.76 -0.58 -13.99
N ARG A 826 30.76 -0.99 -14.75
CA ARG A 826 30.21 -0.19 -15.83
C ARG A 826 29.55 1.08 -15.32
N TRP A 827 29.75 2.21 -16.01
CA TRP A 827 29.05 3.44 -15.65
C TRP A 827 28.03 3.88 -16.69
N THR A 828 28.40 3.89 -17.96
CA THR A 828 27.45 4.11 -19.03
C THR A 828 27.27 2.83 -19.80
N PHE A 829 26.13 2.73 -20.45
CA PHE A 829 25.63 1.46 -20.94
C PHE A 829 25.08 1.58 -22.35
N ARG A 830 25.30 2.69 -23.04
CA ARG A 830 24.92 2.82 -24.43
C ARG A 830 26.04 2.31 -25.32
N CYS A 831 25.76 2.25 -26.61
CA CYS A 831 26.74 1.76 -27.55
C CYS A 831 28.03 2.58 -27.44
N PRO A 832 29.17 1.99 -27.79
CA PRO A 832 30.42 2.77 -27.80
C PRO A 832 30.30 4.06 -28.59
N GLY A 833 29.74 4.00 -29.80
CA GLY A 833 29.67 5.16 -30.66
C GLY A 833 28.43 6.02 -30.48
N CYS A 834 27.64 5.78 -29.47
CA CYS A 834 26.34 6.44 -29.37
C CYS A 834 26.43 7.69 -28.50
N PRO A 835 25.53 8.66 -28.75
CA PRO A 835 25.48 9.94 -28.03
C PRO A 835 25.79 9.84 -26.53
N ASP A 841 19.95 16.79 -23.07
CA ASP A 841 20.44 18.16 -23.03
C ASP A 841 20.31 18.74 -21.62
N ASP A 842 20.66 20.02 -21.46
CA ASP A 842 20.69 20.61 -20.11
C ASP A 842 19.29 20.68 -19.50
N SER A 843 18.27 21.09 -20.27
CA SER A 843 16.93 21.21 -19.69
C SER A 843 16.45 19.87 -19.16
N HIS A 844 16.77 18.78 -19.87
CA HIS A 844 16.43 17.43 -19.43
C HIS A 844 17.09 17.09 -18.10
N PHE A 845 18.32 17.54 -17.90
CA PHE A 845 19.03 17.31 -16.64
C PHE A 845 18.41 18.11 -15.51
N HIS A 846 18.03 19.37 -15.78
CA HIS A 846 17.38 20.17 -14.75
C HIS A 846 15.99 19.67 -14.41
N GLU A 847 15.31 19.02 -15.37
CA GLU A 847 14.02 18.41 -15.07
C GLU A 847 14.18 17.32 -14.01
N ARG A 848 15.33 16.67 -13.98
CA ARG A 848 15.53 15.56 -13.05
C ARG A 848 15.68 16.07 -11.61
N HIS A 849 16.30 17.24 -11.42
CA HIS A 849 16.27 17.87 -10.10
C HIS A 849 14.84 18.15 -9.67
N LYS A 850 14.02 18.66 -10.59
CA LYS A 850 12.66 19.03 -10.25
C LYS A 850 11.84 17.81 -9.93
N CYS A 851 12.03 16.72 -10.70
CA CYS A 851 11.36 15.47 -10.39
C CYS A 851 11.70 15.00 -8.98
N ILE A 852 12.99 14.98 -8.65
CA ILE A 852 13.37 14.44 -7.34
C ILE A 852 12.67 15.23 -6.22
N ASN A 853 12.70 16.55 -6.31
CA ASN A 853 12.12 17.33 -5.22
C ASN A 853 10.60 17.26 -5.22
N PHE A 854 9.98 17.13 -6.39
CA PHE A 854 8.54 16.97 -6.39
C PHE A 854 8.12 15.63 -5.81
N PHE A 855 8.85 14.57 -6.16
CA PHE A 855 8.50 13.25 -5.64
C PHE A 855 8.61 13.26 -4.12
N VAL A 856 9.59 13.98 -3.58
CA VAL A 856 9.70 14.10 -2.12
C VAL A 856 8.45 14.75 -1.52
N LYS A 857 7.85 15.73 -2.22
CA LYS A 857 6.59 16.32 -1.76
C LYS A 857 5.45 15.32 -1.77
N VAL A 858 5.40 14.46 -2.80
CA VAL A 858 4.32 13.49 -2.89
C VAL A 858 4.45 12.46 -1.77
N TYR A 859 5.67 11.96 -1.54
CA TYR A 859 5.88 10.96 -0.50
C TYR A 859 5.86 11.55 0.90
N GLY A 860 6.26 12.80 1.06
CA GLY A 860 6.40 13.39 2.37
C GLY A 860 7.79 13.30 2.95
N TYR A 861 8.69 12.58 2.29
CA TYR A 861 10.05 12.36 2.75
C TYR A 861 10.86 11.85 1.55
N MET A 862 12.17 11.81 1.71
CA MET A 862 13.06 11.27 0.68
C MET A 862 13.30 9.80 1.01
N PRO A 863 12.84 8.86 0.17
CA PRO A 863 13.04 7.44 0.47
C PRO A 863 14.37 6.90 0.00
N LEU A 864 15.08 7.61 -0.85
CA LEU A 864 16.34 7.06 -1.34
C LEU A 864 17.37 6.97 -0.22
N LEU A 865 18.20 5.94 -0.32
CA LEU A 865 19.25 5.65 0.64
C LEU A 865 20.54 5.33 -0.10
N TYR A 866 21.66 5.51 0.60
CA TYR A 866 22.99 5.38 0.01
C TYR A 866 23.60 4.01 0.24
N THR A 867 24.38 3.55 -0.74
CA THR A 867 25.22 2.37 -0.61
C THR A 867 26.64 2.71 -1.05
N GLN A 868 27.63 2.19 -0.33
CA GLN A 868 29.03 2.47 -0.63
C GLN A 868 29.75 1.26 -1.20
N PHE A 869 29.01 0.35 -1.83
CA PHE A 869 29.65 -0.79 -2.47
C PHE A 869 28.91 -1.14 -3.75
N ARG A 870 29.58 -1.92 -4.59
CA ARG A 870 28.93 -2.63 -5.68
C ARG A 870 29.19 -4.12 -5.50
N VAL A 871 28.53 -4.93 -6.32
CA VAL A 871 28.69 -6.37 -6.26
C VAL A 871 29.42 -6.84 -7.50
N ASP A 872 30.29 -7.83 -7.30
CA ASP A 872 31.05 -8.50 -8.34
C ASP A 872 30.98 -10.00 -8.05
N SER A 873 31.36 -10.84 -9.03
CA SER A 873 31.37 -12.26 -8.78
C SER A 873 32.41 -12.59 -7.71
N VAL A 874 32.23 -13.72 -7.05
CA VAL A 874 33.03 -14.00 -5.87
C VAL A 874 34.51 -14.06 -6.19
N LEU A 875 34.87 -14.64 -7.34
CA LEU A 875 36.27 -14.85 -7.70
C LEU A 875 36.77 -13.79 -8.66
N PHE A 876 36.08 -12.67 -8.77
CA PHE A 876 36.51 -11.56 -9.62
C PHE A 876 37.92 -11.12 -9.23
N LYS A 877 38.83 -11.10 -10.22
CA LYS A 877 40.20 -10.63 -9.99
C LYS A 877 40.91 -11.44 -8.91
N THR A 878 40.57 -12.71 -8.79
CA THR A 878 41.16 -13.57 -7.78
C THR A 878 42.11 -14.54 -8.46
N ARG A 879 43.34 -14.63 -7.93
CA ARG A 879 44.32 -15.59 -8.45
C ARG A 879 43.98 -16.99 -7.95
N LEU A 880 43.91 -17.94 -8.89
CA LEU A 880 43.42 -19.29 -8.64
C LEU A 880 44.47 -20.35 -9.00
N PRO A 881 44.51 -21.46 -8.27
CA PRO A 881 45.29 -22.62 -8.73
C PRO A 881 44.82 -23.08 -10.10
N HIS A 882 45.55 -24.05 -10.66
CA HIS A 882 45.23 -24.47 -12.01
C HIS A 882 43.99 -25.35 -12.08
N ASP A 883 43.63 -26.03 -10.99
CA ASP A 883 42.43 -26.87 -10.99
C ASP A 883 41.15 -26.08 -10.64
N LYS A 884 41.19 -24.75 -10.69
CA LYS A 884 40.04 -23.91 -10.40
C LYS A 884 39.87 -22.86 -11.50
N THR A 885 38.62 -22.44 -11.71
CA THR A 885 38.27 -21.49 -12.75
C THR A 885 37.46 -20.36 -12.14
N LYS A 886 37.59 -19.17 -12.71
CA LYS A 886 36.78 -18.03 -12.29
C LYS A 886 35.31 -18.24 -12.63
N CYS A 887 34.43 -17.64 -11.82
CA CYS A 887 33.00 -17.72 -12.11
C CYS A 887 32.68 -17.15 -13.47
N PHE A 888 33.30 -16.00 -13.82
CA PHE A 888 33.13 -15.37 -15.12
C PHE A 888 34.52 -14.99 -15.61
N LYS A 889 34.64 -14.80 -16.93
CA LYS A 889 35.92 -14.37 -17.49
C LYS A 889 36.23 -12.94 -17.09
N PHE A 890 35.23 -12.04 -17.12
CA PHE A 890 35.51 -10.62 -16.99
C PHE A 890 34.82 -9.91 -15.83
N ILE A 891 33.94 -10.56 -15.09
CA ILE A 891 33.16 -9.84 -14.07
C ILE A 891 33.06 -10.56 -12.71
#